data_6HAX
#
_entry.id   6HAX
#
_cell.length_a   80.508
_cell.length_b   116.241
_cell.length_c   120.596
_cell.angle_alpha   90.000
_cell.angle_beta   90.000
_cell.angle_gamma   90.000
#
_symmetry.space_group_name_H-M   'P 21 21 21'
#
loop_
_entity.id
_entity.type
_entity.pdbx_description
1 polymer 'Probable global transcription activator SNF2L2'
2 polymer 'von Hippel-Lindau disease tumor suppressor'
3 polymer Elongin-C
4 polymer Elongin-B
5 non-polymer 1,2-ETHANEDIOL
6 non-polymer (2~{S},4~{R})-~{N}-[[2-[2-[4-[[4-[3-azanyl-6-(2-hydroxyphenyl)pyridazin-4-yl]piperazin-1-yl]methyl]phenyl]ethoxy]-4-(4-methyl-1,3-thiazol-5-yl)phenyl]methyl]-1-[(2~{S})-2-[(1-fluoranylcyclopropyl)carbonylamino]-3,3-dimethyl-butanoyl]-4-oxidanyl-pyrrolidine-2-carboxamide
7 non-polymer '4-(2-HYDROXYETHYL)-1-PIPERAZINE ETHANESULFONIC ACID'
8 water water
#
loop_
_entity_poly.entity_id
_entity_poly.type
_entity_poly.pdbx_seq_one_letter_code
_entity_poly.pdbx_strand_id
1 'polypeptide(L)'
;SMAEKLSPNPPKLTKQMNAIIDTVINYKDSSGRQLSEVFIQLPSRKELPEYYELIRKPVDFKKIKERIRNHKYRSLGDLE
KDVMLLCHNAQTFNLEGSQIYEDSIVLQSVFKSARQKIAKEEE
;
A,E
2 'polypeptide(L)'
;GSMEAGRPRPVLRSVNSREPSQVIFCNRSPRVVLPVWLNFDGEPQPYPTLPPGTGRRIHSYRGHLWLFRDAGTHDGLLVN
QTELFVPSLNVDGQPIFANITLPVYTLKERCLQVVRSLVKPENYRRLDIVRSLYEDLEDHPNVQKDLERLTQERIAHQRM
GD
;
B,F
3 'polypeptide(L)'
;MMYVKLISSDGHEFIVKREHALTSGTIKAMLSGPGQFAENETNEVNFREIPSHVLSKVCMYFTYKVRYTNSSTEIPEFPI
APEIALELLMAANFLDC
;
C,G
4 'polypeptide(L)'
;MDVFLMIRRHKTTIFTDAKESSTVFELKRIVEGILKRPPDEQRLYKDDQLLDDGKTLGECGFTSQTARPQAPATVGLAFR
ADDTFEALCIEPFSSPPELPDVMK
;
D,H
#
# COMPACT_ATOMS: atom_id res chain seq x y z
N LEU A 6 -38.45 46.35 -20.35
CA LEU A 6 -39.68 45.75 -19.85
C LEU A 6 -40.38 44.91 -20.95
N SER A 7 -40.31 45.37 -22.22
CA SER A 7 -40.90 44.71 -23.39
C SER A 7 -40.24 43.36 -23.63
N PRO A 8 -40.99 42.26 -23.87
CA PRO A 8 -40.34 40.95 -24.04
C PRO A 8 -39.51 40.81 -25.31
N ASN A 9 -38.61 39.83 -25.30
CA ASN A 9 -37.75 39.51 -26.42
C ASN A 9 -38.59 38.82 -27.50
N PRO A 10 -38.18 38.85 -28.80
CA PRO A 10 -38.94 38.07 -29.81
C PRO A 10 -38.92 36.58 -29.44
N PRO A 11 -40.03 35.83 -29.65
CA PRO A 11 -40.05 34.40 -29.25
C PRO A 11 -38.94 33.52 -29.84
N LYS A 12 -38.42 33.88 -31.02
CA LYS A 12 -37.34 33.18 -31.73
C LYS A 12 -36.06 33.28 -30.91
N LEU A 13 -35.78 34.47 -30.35
CA LEU A 13 -34.61 34.75 -29.51
C LEU A 13 -34.66 33.96 -28.19
N THR A 14 -35.85 33.92 -27.54
CA THR A 14 -36.08 33.17 -26.29
C THR A 14 -35.91 31.68 -26.55
N LYS A 15 -36.44 31.18 -27.69
CA LYS A 15 -36.31 29.80 -28.14
C LYS A 15 -34.81 29.44 -28.30
N GLN A 16 -34.03 30.33 -28.96
CA GLN A 16 -32.58 30.17 -29.20
C GLN A 16 -31.78 30.07 -27.88
N MET A 17 -32.03 31.01 -26.94
CA MET A 17 -31.40 31.09 -25.61
C MET A 17 -31.63 29.81 -24.81
N ASN A 18 -32.88 29.28 -24.84
CA ASN A 18 -33.28 28.05 -24.14
C ASN A 18 -32.67 26.78 -24.75
N ALA A 19 -32.66 26.68 -26.08
CA ALA A 19 -32.09 25.54 -26.81
C ALA A 19 -30.58 25.40 -26.52
N ILE A 20 -29.84 26.54 -26.40
CA ILE A 20 -28.40 26.57 -26.09
C ILE A 20 -28.14 26.11 -24.64
N ILE A 21 -28.82 26.76 -23.67
CA ILE A 21 -28.66 26.47 -22.25
C ILE A 21 -29.04 25.01 -21.90
N ASP A 22 -30.08 24.43 -22.54
CA ASP A 22 -30.47 23.03 -22.31
C ASP A 22 -29.40 22.07 -22.85
N THR A 23 -28.65 22.47 -23.90
CA THR A 23 -27.57 21.68 -24.51
C THR A 23 -26.37 21.64 -23.53
N VAL A 24 -26.14 22.77 -22.85
CA VAL A 24 -25.07 22.93 -21.87
C VAL A 24 -25.42 22.11 -20.60
N ILE A 25 -26.67 22.25 -20.11
CA ILE A 25 -27.16 21.58 -18.90
C ILE A 25 -27.25 20.06 -19.10
N ASN A 26 -27.74 19.61 -20.27
CA ASN A 26 -27.90 18.17 -20.53
C ASN A 26 -26.62 17.43 -20.89
N TYR A 27 -25.56 18.16 -21.26
CA TYR A 27 -24.26 17.60 -21.67
C TYR A 27 -23.69 16.59 -20.67
N LYS A 28 -23.25 15.44 -21.21
CA LYS A 28 -22.65 14.32 -20.48
C LYS A 28 -21.35 13.97 -21.15
N ASP A 29 -20.28 13.72 -20.37
CA ASP A 29 -18.98 13.34 -20.93
C ASP A 29 -19.00 11.88 -21.44
N SER A 30 -17.86 11.35 -21.92
CA SER A 30 -17.77 9.97 -22.46
C SER A 30 -18.16 8.87 -21.44
N SER A 31 -18.01 9.17 -20.13
CA SER A 31 -18.35 8.26 -19.03
C SER A 31 -19.84 8.36 -18.55
N GLY A 32 -20.65 9.15 -19.27
CA GLY A 32 -22.06 9.38 -18.99
C GLY A 32 -22.36 10.34 -17.84
N ARG A 33 -21.35 11.15 -17.43
CA ARG A 33 -21.49 12.11 -16.32
C ARG A 33 -21.95 13.50 -16.78
N GLN A 34 -23.07 14.00 -16.20
CA GLN A 34 -23.62 15.33 -16.50
C GLN A 34 -22.76 16.35 -15.78
N LEU A 35 -21.93 17.08 -16.55
CA LEU A 35 -20.92 18.03 -16.06
C LEU A 35 -21.47 19.27 -15.35
N SER A 36 -22.70 19.72 -15.72
CA SER A 36 -23.37 20.89 -15.14
C SER A 36 -23.94 20.66 -13.72
N GLU A 37 -24.06 19.38 -13.29
CA GLU A 37 -24.67 18.95 -12.02
C GLU A 37 -24.41 19.86 -10.83
N VAL A 38 -23.13 20.12 -10.53
CA VAL A 38 -22.63 20.93 -9.42
C VAL A 38 -22.93 22.44 -9.60
N PHE A 39 -23.12 22.89 -10.88
CA PHE A 39 -23.37 24.31 -11.21
C PHE A 39 -24.84 24.71 -11.36
N ILE A 40 -25.80 23.77 -11.12
CA ILE A 40 -27.24 24.07 -11.22
C ILE A 40 -27.66 25.07 -10.15
N GLN A 41 -27.20 24.84 -8.90
CA GLN A 41 -27.52 25.72 -7.78
C GLN A 41 -26.30 26.01 -6.92
N LEU A 42 -26.08 27.30 -6.63
CA LEU A 42 -25.00 27.81 -5.78
C LEU A 42 -25.24 27.36 -4.34
N PRO A 43 -24.19 27.11 -3.53
CA PRO A 43 -24.45 26.84 -2.10
C PRO A 43 -24.84 28.16 -1.44
N SER A 44 -25.56 28.13 -0.32
CA SER A 44 -25.95 29.37 0.33
C SER A 44 -24.76 30.05 1.03
N ARG A 45 -24.96 31.33 1.41
CA ARG A 45 -24.00 32.14 2.15
C ARG A 45 -23.71 31.52 3.50
N LYS A 46 -24.72 30.88 4.13
CA LYS A 46 -24.58 30.20 5.42
C LYS A 46 -23.71 28.94 5.28
N GLU A 47 -23.96 28.14 4.21
CA GLU A 47 -23.25 26.89 3.86
C GLU A 47 -21.78 27.16 3.45
N LEU A 48 -21.55 28.08 2.51
CA LEU A 48 -20.20 28.39 2.03
C LEU A 48 -19.91 29.91 1.96
N PRO A 49 -19.67 30.57 3.13
CA PRO A 49 -19.43 32.02 3.12
C PRO A 49 -18.16 32.47 2.40
N GLU A 50 -17.16 31.57 2.30
CA GLU A 50 -15.87 31.74 1.64
C GLU A 50 -16.03 32.00 0.16
N TYR A 51 -17.11 31.45 -0.43
CA TYR A 51 -17.39 31.64 -1.85
C TYR A 51 -17.78 33.09 -2.05
N TYR A 52 -18.60 33.60 -1.15
CA TYR A 52 -19.13 34.95 -1.22
C TYR A 52 -18.11 36.00 -0.82
N GLU A 53 -17.07 35.61 -0.07
CA GLU A 53 -15.99 36.49 0.32
C GLU A 53 -15.12 36.81 -0.90
N LEU A 54 -14.96 35.82 -1.82
CA LEU A 54 -14.12 35.84 -3.02
C LEU A 54 -14.83 36.17 -4.31
N ILE A 55 -16.06 35.64 -4.50
CA ILE A 55 -16.83 35.83 -5.75
C ILE A 55 -17.84 36.99 -5.62
N ARG A 56 -17.57 38.08 -6.38
CA ARG A 56 -18.33 39.35 -6.43
C ARG A 56 -19.70 39.28 -7.15
N LYS A 57 -19.79 38.50 -8.24
CA LYS A 57 -21.04 38.38 -9.02
C LYS A 57 -21.42 36.89 -9.09
N PRO A 58 -21.99 36.29 -8.02
CA PRO A 58 -22.32 34.85 -8.06
C PRO A 58 -23.52 34.56 -8.94
N VAL A 59 -23.46 33.44 -9.68
CA VAL A 59 -24.48 33.02 -10.65
C VAL A 59 -24.42 31.48 -10.84
N ASP A 60 -25.59 30.85 -11.03
CA ASP A 60 -25.73 29.42 -11.27
C ASP A 60 -26.69 29.20 -12.47
N PHE A 61 -26.78 27.97 -13.02
CA PHE A 61 -27.66 27.69 -14.14
C PHE A 61 -29.15 27.96 -13.85
N LYS A 62 -29.54 28.09 -12.55
CA LYS A 62 -30.90 28.41 -12.11
C LYS A 62 -31.21 29.89 -12.36
N LYS A 63 -30.28 30.77 -11.98
CA LYS A 63 -30.38 32.22 -12.18
C LYS A 63 -30.25 32.56 -13.67
N ILE A 64 -29.55 31.71 -14.44
CA ILE A 64 -29.36 31.90 -15.89
C ILE A 64 -30.69 31.65 -16.63
N LYS A 65 -31.34 30.50 -16.34
CA LYS A 65 -32.63 30.10 -16.92
C LYS A 65 -33.75 31.09 -16.59
N GLU A 66 -33.72 31.63 -15.36
CA GLU A 66 -34.63 32.65 -14.84
C GLU A 66 -34.47 33.95 -15.65
N ARG A 67 -33.20 34.32 -15.93
CA ARG A 67 -32.87 35.53 -16.69
C ARG A 67 -33.33 35.46 -18.16
N ILE A 68 -33.38 34.25 -18.78
CA ILE A 68 -33.89 34.04 -20.15
C ILE A 68 -35.42 34.29 -20.12
N ARG A 69 -36.12 33.52 -19.25
CA ARG A 69 -37.56 33.52 -18.97
C ARG A 69 -38.11 34.92 -18.68
N ASN A 70 -37.36 35.76 -17.94
CA ASN A 70 -37.77 37.12 -17.57
C ASN A 70 -37.29 38.20 -18.56
N HIS A 71 -36.62 37.80 -19.66
CA HIS A 71 -36.12 38.68 -20.74
C HIS A 71 -35.01 39.66 -20.28
N LYS A 72 -34.18 39.26 -19.27
CA LYS A 72 -33.07 40.09 -18.78
C LYS A 72 -31.91 40.15 -19.79
N TYR A 73 -31.71 39.06 -20.55
CA TYR A 73 -30.71 39.01 -21.62
C TYR A 73 -31.42 39.54 -22.85
N ARG A 74 -30.80 40.52 -23.55
CA ARG A 74 -31.40 41.14 -24.75
C ARG A 74 -30.77 40.59 -26.06
N SER A 75 -29.69 39.80 -25.93
CA SER A 75 -28.98 39.19 -27.06
C SER A 75 -28.33 37.89 -26.60
N LEU A 76 -27.86 37.05 -27.54
CA LEU A 76 -27.17 35.80 -27.22
C LEU A 76 -25.80 36.10 -26.55
N GLY A 77 -25.26 37.29 -26.81
CA GLY A 77 -24.03 37.82 -26.22
C GLY A 77 -24.18 38.07 -24.74
N ASP A 78 -25.35 38.60 -24.30
CA ASP A 78 -25.69 38.82 -22.88
C ASP A 78 -25.74 37.48 -22.15
N LEU A 79 -26.34 36.44 -22.79
CA LEU A 79 -26.43 35.09 -22.26
C LEU A 79 -25.03 34.48 -22.10
N GLU A 80 -24.17 34.70 -23.12
CA GLU A 80 -22.79 34.22 -23.13
C GLU A 80 -21.98 34.81 -21.98
N LYS A 81 -22.08 36.14 -21.74
CA LYS A 81 -21.36 36.82 -20.65
C LYS A 81 -21.68 36.21 -19.26
N ASP A 82 -22.95 35.84 -19.01
CA ASP A 82 -23.33 35.21 -17.74
C ASP A 82 -22.81 33.75 -17.59
N VAL A 83 -22.75 32.97 -18.69
CA VAL A 83 -22.21 31.58 -18.70
C VAL A 83 -20.68 31.60 -18.50
N MET A 84 -19.98 32.56 -19.11
CA MET A 84 -18.53 32.67 -18.98
C MET A 84 -18.19 33.10 -17.57
N LEU A 85 -19.00 34.04 -17.01
CA LEU A 85 -18.91 34.52 -15.65
C LEU A 85 -19.02 33.36 -14.68
N LEU A 86 -20.05 32.49 -14.85
CA LEU A 86 -20.28 31.32 -13.99
C LEU A 86 -19.02 30.41 -13.95
N CYS A 87 -18.49 30.08 -15.12
CA CYS A 87 -17.31 29.23 -15.29
C CYS A 87 -16.04 29.89 -14.73
N HIS A 88 -15.85 31.20 -14.98
CA HIS A 88 -14.69 31.93 -14.44
C HIS A 88 -14.77 32.04 -12.89
N ASN A 89 -16.00 32.09 -12.32
CA ASN A 89 -16.21 32.13 -10.88
C ASN A 89 -15.79 30.81 -10.23
N ALA A 90 -16.15 29.70 -10.89
CA ALA A 90 -15.86 28.32 -10.50
C ALA A 90 -14.35 28.02 -10.56
N GLN A 91 -13.65 28.65 -11.54
CA GLN A 91 -12.21 28.55 -11.76
C GLN A 91 -11.41 29.30 -10.70
N THR A 92 -11.81 30.57 -10.45
CA THR A 92 -11.23 31.47 -9.45
C THR A 92 -11.34 30.88 -8.03
N PHE A 93 -12.52 30.35 -7.68
CA PHE A 93 -12.73 29.77 -6.36
C PHE A 93 -11.97 28.44 -6.15
N ASN A 94 -12.11 27.49 -7.08
CA ASN A 94 -11.57 26.15 -6.92
C ASN A 94 -10.13 25.93 -7.35
N LEU A 95 -9.63 26.77 -8.28
CA LEU A 95 -8.26 26.77 -8.80
C LEU A 95 -7.96 25.56 -9.71
N GLU A 96 -6.87 25.67 -10.48
CA GLU A 96 -6.41 24.64 -11.43
C GLU A 96 -6.10 23.35 -10.69
N GLY A 97 -6.26 22.21 -11.37
CA GLY A 97 -6.00 20.90 -10.77
C GLY A 97 -7.23 20.24 -10.17
N SER A 98 -8.36 20.95 -10.13
CA SER A 98 -9.61 20.42 -9.59
C SER A 98 -10.50 19.98 -10.74
N GLN A 99 -11.36 18.97 -10.50
CA GLN A 99 -12.25 18.44 -11.53
C GLN A 99 -13.30 19.47 -11.96
N ILE A 100 -13.83 20.23 -10.99
CA ILE A 100 -14.82 21.29 -11.18
C ILE A 100 -14.27 22.38 -12.13
N TYR A 101 -12.96 22.72 -12.00
CA TYR A 101 -12.24 23.68 -12.83
C TYR A 101 -12.28 23.16 -14.27
N GLU A 102 -11.90 21.87 -14.47
CA GLU A 102 -11.86 21.19 -15.76
C GLU A 102 -13.24 21.09 -16.41
N ASP A 103 -14.27 20.69 -15.62
CA ASP A 103 -15.68 20.59 -16.06
C ASP A 103 -16.21 21.96 -16.55
N SER A 104 -15.84 23.05 -15.84
CA SER A 104 -16.27 24.41 -16.21
C SER A 104 -15.65 24.86 -17.55
N ILE A 105 -14.45 24.34 -17.90
CA ILE A 105 -13.75 24.64 -19.17
C ILE A 105 -14.44 23.89 -20.34
N VAL A 106 -14.85 22.63 -20.14
CA VAL A 106 -15.60 21.82 -21.13
C VAL A 106 -16.98 22.48 -21.40
N LEU A 107 -17.64 22.99 -20.34
CA LEU A 107 -18.93 23.66 -20.48
C LEU A 107 -18.85 24.98 -21.27
N GLN A 108 -17.71 25.70 -21.19
CA GLN A 108 -17.46 26.93 -21.96
C GLN A 108 -17.51 26.66 -23.45
N SER A 109 -16.78 25.61 -23.85
CA SER A 109 -16.65 25.04 -25.20
C SER A 109 -18.01 24.54 -25.72
N VAL A 110 -18.79 23.83 -24.85
CA VAL A 110 -20.13 23.29 -25.17
C VAL A 110 -21.06 24.45 -25.52
N PHE A 111 -21.07 25.53 -24.69
CA PHE A 111 -21.90 26.71 -24.95
C PHE A 111 -21.64 27.31 -26.31
N LYS A 112 -20.36 27.56 -26.65
CA LYS A 112 -19.94 28.19 -27.90
C LYS A 112 -20.23 27.36 -29.16
N SER A 113 -20.26 26.03 -29.01
CA SER A 113 -20.53 25.11 -30.11
C SER A 113 -22.03 25.01 -30.33
N ALA A 114 -22.82 25.02 -29.22
CA ALA A 114 -24.29 24.99 -29.28
C ALA A 114 -24.78 26.30 -29.88
N ARG A 115 -24.21 27.46 -29.45
CA ARG A 115 -24.55 28.77 -30.01
C ARG A 115 -24.21 28.87 -31.51
N GLN A 116 -23.16 28.17 -31.96
CA GLN A 116 -22.76 28.16 -33.37
C GLN A 116 -23.72 27.27 -34.20
N LYS A 117 -24.19 26.16 -33.59
CA LYS A 117 -25.10 25.20 -34.23
C LYS A 117 -26.51 25.76 -34.37
N ILE A 118 -27.06 26.35 -33.29
CA ILE A 118 -28.38 26.99 -33.20
C ILE A 118 -28.47 28.18 -34.18
N ALA A 119 -27.33 28.84 -34.45
CA ALA A 119 -27.21 29.96 -35.38
C ALA A 119 -26.42 29.53 -36.64
N LYS A 120 -27.08 28.69 -37.46
CA LYS A 120 -26.63 28.10 -38.73
C LYS A 120 -27.83 27.39 -39.36
N ARG B 9 -12.37 30.53 16.39
CA ARG B 9 -11.68 29.52 15.58
C ARG B 9 -10.95 28.50 16.48
N PRO B 10 -11.32 27.19 16.42
CA PRO B 10 -10.67 26.17 17.26
C PRO B 10 -9.21 25.89 16.91
N VAL B 11 -8.54 25.07 17.75
CA VAL B 11 -7.15 24.68 17.55
C VAL B 11 -7.05 23.79 16.29
N LEU B 12 -7.84 22.70 16.24
CA LEU B 12 -7.88 21.78 15.12
C LEU B 12 -8.92 22.22 14.10
N ARG B 13 -8.47 22.66 12.93
CA ARG B 13 -9.30 23.12 11.80
C ARG B 13 -8.46 23.24 10.54
N SER B 14 -9.10 23.52 9.40
CA SER B 14 -8.40 23.77 8.13
C SER B 14 -8.18 25.27 8.00
N VAL B 15 -7.10 25.65 7.35
CA VAL B 15 -6.80 27.04 7.01
C VAL B 15 -7.33 27.29 5.57
N ASN B 16 -8.02 28.41 5.34
CA ASN B 16 -8.47 28.73 3.98
C ASN B 16 -7.27 29.31 3.18
N SER B 17 -6.33 28.41 2.80
CA SER B 17 -5.07 28.71 2.13
C SER B 17 -5.20 29.06 0.66
N ARG B 18 -6.14 28.39 -0.04
CA ARG B 18 -6.36 28.58 -1.48
C ARG B 18 -5.08 28.16 -2.26
N GLU B 19 -4.32 27.20 -1.67
CA GLU B 19 -3.09 26.68 -2.26
C GLU B 19 -3.31 25.22 -2.63
N PRO B 20 -3.57 24.92 -3.92
CA PRO B 20 -3.85 23.53 -4.35
C PRO B 20 -2.83 22.45 -3.94
N SER B 21 -3.35 21.24 -3.60
CA SER B 21 -2.54 20.05 -3.23
C SER B 21 -3.23 18.74 -3.67
N GLN B 22 -2.58 17.94 -4.55
CA GLN B 22 -3.06 16.64 -5.03
C GLN B 22 -2.64 15.60 -4.00
N VAL B 23 -3.60 14.76 -3.60
CA VAL B 23 -3.42 13.73 -2.58
C VAL B 23 -3.92 12.38 -3.09
N ILE B 24 -3.26 11.30 -2.68
CA ILE B 24 -3.74 9.97 -2.99
C ILE B 24 -4.26 9.37 -1.68
N PHE B 25 -5.57 9.03 -1.62
CA PHE B 25 -6.18 8.37 -0.45
C PHE B 25 -6.12 6.89 -0.79
N CYS B 26 -5.47 6.10 0.07
CA CYS B 26 -5.32 4.66 -0.15
C CYS B 26 -5.78 3.87 1.07
N ASN B 27 -6.93 3.16 0.94
CA ASN B 27 -7.49 2.36 2.04
C ASN B 27 -6.77 1.01 2.09
N ARG B 28 -5.80 0.89 3.00
CA ARG B 28 -5.08 -0.36 3.19
C ARG B 28 -5.53 -1.05 4.48
N SER B 29 -6.85 -0.97 4.75
CA SER B 29 -7.48 -1.56 5.93
C SER B 29 -8.59 -2.51 5.44
N PRO B 30 -9.09 -3.47 6.27
CA PRO B 30 -10.20 -4.32 5.82
C PRO B 30 -11.58 -3.66 5.97
N ARG B 31 -11.59 -2.39 6.39
CA ARG B 31 -12.80 -1.62 6.64
C ARG B 31 -13.17 -0.65 5.51
N VAL B 32 -14.47 -0.31 5.40
CA VAL B 32 -15.00 0.74 4.50
C VAL B 32 -14.61 2.02 5.25
N VAL B 33 -13.86 2.91 4.58
CA VAL B 33 -13.29 4.12 5.18
C VAL B 33 -14.10 5.36 4.88
N LEU B 34 -14.35 6.14 5.95
CA LEU B 34 -14.97 7.44 5.88
C LEU B 34 -13.87 8.55 6.02
N PRO B 35 -13.52 9.25 4.91
CA PRO B 35 -12.60 10.38 5.05
C PRO B 35 -13.42 11.54 5.65
N VAL B 36 -12.87 12.19 6.65
CA VAL B 36 -13.53 13.28 7.37
C VAL B 36 -12.64 14.50 7.21
N TRP B 37 -13.22 15.60 6.69
CA TRP B 37 -12.53 16.85 6.52
C TRP B 37 -12.96 17.85 7.59
N LEU B 38 -12.00 18.48 8.26
CA LEU B 38 -12.33 19.49 9.27
C LEU B 38 -12.43 20.81 8.56
N ASN B 39 -13.60 21.45 8.61
CA ASN B 39 -13.79 22.71 7.87
C ASN B 39 -13.02 23.90 8.50
N PHE B 40 -13.21 25.11 7.95
CA PHE B 40 -12.52 26.32 8.41
C PHE B 40 -12.93 26.75 9.86
N ASP B 41 -13.98 26.11 10.43
CA ASP B 41 -14.48 26.30 11.80
C ASP B 41 -14.19 25.08 12.69
N GLY B 42 -13.46 24.10 12.13
CA GLY B 42 -13.07 22.86 12.78
C GLY B 42 -14.19 21.87 12.92
N GLU B 43 -15.27 22.03 12.12
CA GLU B 43 -16.42 21.12 12.15
C GLU B 43 -16.18 19.93 11.19
N PRO B 44 -16.46 18.68 11.62
CA PRO B 44 -16.19 17.52 10.77
C PRO B 44 -17.17 17.28 9.62
N GLN B 45 -16.66 17.13 8.39
CA GLN B 45 -17.43 16.90 7.17
C GLN B 45 -17.22 15.48 6.60
N PRO B 46 -18.28 14.63 6.52
CA PRO B 46 -18.11 13.30 5.90
C PRO B 46 -17.89 13.39 4.39
N TYR B 47 -16.97 12.59 3.84
CA TYR B 47 -16.67 12.58 2.41
C TYR B 47 -17.00 11.21 1.81
N PRO B 48 -17.11 11.03 0.46
CA PRO B 48 -17.42 9.69 -0.08
C PRO B 48 -16.50 8.57 0.43
N THR B 49 -17.09 7.43 0.75
CA THR B 49 -16.38 6.30 1.36
C THR B 49 -15.47 5.55 0.37
N LEU B 50 -14.49 4.79 0.91
CA LEU B 50 -13.53 4.00 0.12
C LEU B 50 -13.68 2.54 0.52
N PRO B 51 -14.05 1.64 -0.44
CA PRO B 51 -14.13 0.21 -0.09
C PRO B 51 -12.74 -0.33 0.29
N PRO B 52 -12.60 -1.44 1.06
CA PRO B 52 -11.24 -1.93 1.37
C PRO B 52 -10.36 -2.19 0.14
N GLY B 53 -9.10 -1.77 0.24
CA GLY B 53 -8.09 -1.96 -0.78
C GLY B 53 -8.23 -1.10 -2.02
N THR B 54 -8.89 0.06 -1.91
CA THR B 54 -9.06 0.95 -3.06
C THR B 54 -8.32 2.25 -2.80
N GLY B 55 -7.86 2.86 -3.88
CA GLY B 55 -7.20 4.15 -3.87
C GLY B 55 -7.83 5.12 -4.85
N ARG B 56 -7.85 6.41 -4.47
CA ARG B 56 -8.36 7.50 -5.29
C ARG B 56 -7.43 8.70 -5.21
N ARG B 57 -7.14 9.32 -6.36
CA ARG B 57 -6.37 10.56 -6.41
C ARG B 57 -7.44 11.69 -6.28
N ILE B 58 -7.29 12.52 -5.23
CA ILE B 58 -8.24 13.59 -4.88
C ILE B 58 -7.55 14.92 -4.87
N HIS B 59 -8.35 15.98 -4.91
CA HIS B 59 -7.84 17.34 -4.84
C HIS B 59 -8.21 17.97 -3.48
N SER B 60 -7.19 18.53 -2.83
CA SER B 60 -7.33 19.19 -1.54
C SER B 60 -6.42 20.44 -1.59
N TYR B 61 -6.21 21.09 -0.43
CA TYR B 61 -5.45 22.33 -0.34
C TYR B 61 -4.47 22.29 0.83
N ARG B 62 -3.37 23.06 0.74
CA ARG B 62 -2.33 23.17 1.76
C ARG B 62 -2.98 23.63 3.09
N GLY B 63 -2.62 22.97 4.18
CA GLY B 63 -3.14 23.32 5.51
C GLY B 63 -4.55 22.84 5.80
N HIS B 64 -5.08 21.90 4.99
CA HIS B 64 -6.41 21.33 5.19
C HIS B 64 -6.25 20.09 6.04
N LEU B 65 -7.14 19.88 7.01
CA LEU B 65 -7.03 18.80 7.99
C LEU B 65 -8.02 17.63 7.80
N TRP B 66 -7.48 16.42 7.75
CA TRP B 66 -8.22 15.18 7.56
C TRP B 66 -8.05 14.15 8.70
N LEU B 67 -9.13 13.37 8.91
CA LEU B 67 -9.30 12.25 9.83
C LEU B 67 -9.91 11.14 9.01
N PHE B 68 -9.71 9.87 9.43
CA PHE B 68 -10.26 8.70 8.77
C PHE B 68 -10.87 7.79 9.83
N ARG B 69 -12.12 7.34 9.59
CA ARG B 69 -12.91 6.48 10.47
C ARG B 69 -13.47 5.27 9.68
N ASP B 70 -14.00 4.25 10.40
CA ASP B 70 -14.75 3.14 9.82
C ASP B 70 -16.10 3.79 9.51
N ALA B 71 -16.56 3.75 8.25
CA ALA B 71 -17.81 4.39 7.82
C ALA B 71 -19.07 3.94 8.57
N GLY B 72 -19.10 2.68 9.02
CA GLY B 72 -20.26 2.11 9.70
C GLY B 72 -20.28 2.20 11.20
N THR B 73 -19.10 2.19 11.86
CA THR B 73 -19.01 2.21 13.34
C THR B 73 -18.35 3.47 13.88
N HIS B 74 -17.61 4.21 13.03
CA HIS B 74 -16.82 5.41 13.36
C HIS B 74 -15.62 5.12 14.26
N ASP B 75 -15.12 3.86 14.24
CA ASP B 75 -13.90 3.42 14.92
C ASP B 75 -12.77 4.21 14.22
N GLY B 76 -11.85 4.77 15.01
CA GLY B 76 -10.74 5.57 14.50
C GLY B 76 -9.73 4.77 13.72
N LEU B 77 -9.19 5.38 12.63
CA LEU B 77 -8.19 4.73 11.81
C LEU B 77 -6.92 5.56 11.72
N LEU B 78 -5.83 4.96 11.25
CA LEU B 78 -4.55 5.68 11.10
C LEU B 78 -4.33 6.12 9.67
N VAL B 79 -3.50 7.12 9.49
CA VAL B 79 -3.11 7.63 8.18
C VAL B 79 -1.64 7.96 8.34
N ASN B 80 -0.76 7.23 7.62
CA ASN B 80 0.70 7.40 7.69
C ASN B 80 1.21 7.24 9.13
N GLN B 81 0.56 6.30 9.87
CA GLN B 81 0.83 5.90 11.26
C GLN B 81 0.40 6.94 12.33
N THR B 82 -0.37 7.96 11.94
CA THR B 82 -0.84 8.98 12.90
C THR B 82 -2.36 9.17 12.75
N GLU B 83 -2.93 10.05 13.57
CA GLU B 83 -4.36 10.34 13.59
C GLU B 83 -4.79 11.40 12.62
N LEU B 84 -4.01 12.50 12.49
CA LEU B 84 -4.37 13.60 11.60
C LEU B 84 -3.51 13.67 10.35
N PHE B 85 -4.13 14.01 9.19
CA PHE B 85 -3.42 14.19 7.95
C PHE B 85 -3.62 15.59 7.41
N VAL B 86 -2.49 16.29 7.19
CA VAL B 86 -2.44 17.65 6.65
C VAL B 86 -1.54 17.66 5.41
N PRO B 87 -2.08 17.87 4.18
CA PRO B 87 -1.17 17.98 3.03
C PRO B 87 -0.45 19.33 3.06
N SER B 88 0.83 19.29 2.72
CA SER B 88 1.66 20.47 2.52
C SER B 88 1.60 20.73 0.98
N LEU B 89 2.39 21.70 0.45
CA LEU B 89 2.39 21.91 -1.00
C LEU B 89 3.17 20.79 -1.71
N ASN B 90 2.71 20.41 -2.91
CA ASN B 90 3.39 19.40 -3.73
C ASN B 90 4.72 20.00 -4.19
N VAL B 91 5.80 19.20 -4.15
CA VAL B 91 7.11 19.63 -4.61
C VAL B 91 7.24 19.15 -6.04
N ASP B 92 7.28 20.10 -7.01
CA ASP B 92 7.41 19.84 -8.45
C ASP B 92 6.37 18.82 -9.00
N GLY B 93 5.09 19.15 -8.83
CA GLY B 93 3.96 18.34 -9.29
C GLY B 93 3.51 17.20 -8.38
N GLN B 94 4.47 16.39 -7.86
CA GLN B 94 4.34 15.20 -7.00
C GLN B 94 3.11 15.14 -6.04
N PRO B 95 2.10 14.25 -6.28
CA PRO B 95 1.01 14.10 -5.28
C PRO B 95 1.50 13.57 -3.94
N ILE B 96 0.82 13.98 -2.83
CA ILE B 96 1.12 13.57 -1.45
C ILE B 96 0.37 12.25 -1.14
N PHE B 97 1.06 11.26 -0.55
CA PHE B 97 0.42 9.99 -0.25
C PHE B 97 -0.16 9.93 1.17
N ALA B 98 -1.43 9.43 1.29
CA ALA B 98 -2.15 9.20 2.55
C ALA B 98 -2.54 7.74 2.66
N ASN B 99 -1.72 6.96 3.34
CA ASN B 99 -1.90 5.53 3.53
C ASN B 99 -2.72 5.25 4.79
N ILE B 100 -3.97 4.83 4.59
CA ILE B 100 -4.93 4.59 5.66
C ILE B 100 -4.87 3.15 6.09
N THR B 101 -4.72 2.90 7.41
CA THR B 101 -4.64 1.54 7.96
C THR B 101 -5.41 1.38 9.29
N LEU B 102 -5.52 0.15 9.77
CA LEU B 102 -6.08 -0.12 11.09
C LEU B 102 -5.04 0.23 12.14
N PRO B 103 -5.40 0.89 13.28
CA PRO B 103 -4.41 1.05 14.36
C PRO B 103 -4.26 -0.28 15.09
N VAL B 104 -3.36 -0.37 16.07
CA VAL B 104 -3.34 -1.56 16.93
C VAL B 104 -4.26 -1.16 18.09
N TYR B 105 -5.51 -1.69 18.06
CA TYR B 105 -6.51 -1.42 19.10
C TYR B 105 -6.09 -2.16 20.35
N THR B 106 -6.54 -1.70 21.54
CA THR B 106 -6.32 -2.48 22.77
C THR B 106 -7.21 -3.71 22.65
N LEU B 107 -6.90 -4.79 23.38
CA LEU B 107 -7.77 -5.98 23.37
C LEU B 107 -9.19 -5.64 23.83
N LYS B 108 -9.33 -4.75 24.84
CA LYS B 108 -10.61 -4.25 25.34
C LYS B 108 -11.44 -3.57 24.25
N GLU B 109 -10.81 -2.62 23.52
CA GLU B 109 -11.48 -1.87 22.45
C GLU B 109 -11.93 -2.74 21.30
N ARG B 110 -11.09 -3.71 20.91
CA ARG B 110 -11.39 -4.67 19.84
C ARG B 110 -12.57 -5.56 20.28
N CYS B 111 -12.57 -6.04 21.55
CA CYS B 111 -13.66 -6.87 22.14
C CYS B 111 -14.96 -6.06 22.15
N LEU B 112 -14.87 -4.75 22.54
CA LEU B 112 -16.03 -3.84 22.52
C LEU B 112 -16.58 -3.69 21.11
N GLN B 113 -15.70 -3.48 20.08
CA GLN B 113 -16.10 -3.41 18.66
C GLN B 113 -16.91 -4.63 18.22
N VAL B 114 -16.40 -5.85 18.49
CA VAL B 114 -17.03 -7.15 18.14
C VAL B 114 -18.42 -7.32 18.83
N VAL B 115 -18.49 -7.11 20.17
CA VAL B 115 -19.74 -7.21 20.94
C VAL B 115 -20.77 -6.14 20.45
N ARG B 116 -20.32 -4.91 20.12
CA ARG B 116 -21.21 -3.88 19.55
C ARG B 116 -21.74 -4.31 18.17
N SER B 117 -20.92 -5.06 17.39
CA SER B 117 -21.32 -5.48 16.04
C SER B 117 -22.35 -6.59 16.03
N LEU B 118 -22.48 -7.33 17.16
CA LEU B 118 -23.36 -8.47 17.33
C LEU B 118 -24.59 -8.18 18.18
N VAL B 119 -24.51 -7.20 19.09
CA VAL B 119 -25.60 -6.88 20.02
C VAL B 119 -26.14 -5.46 19.80
N LYS B 120 -27.48 -5.32 19.81
CA LYS B 120 -28.17 -4.05 19.65
C LYS B 120 -28.00 -3.21 20.94
N PRO B 121 -27.83 -1.86 20.83
CA PRO B 121 -27.62 -1.04 22.04
C PRO B 121 -28.59 -1.25 23.22
N GLU B 122 -29.83 -1.64 22.93
CA GLU B 122 -30.88 -1.89 23.93
C GLU B 122 -30.61 -3.13 24.77
N ASN B 123 -29.91 -4.12 24.17
CA ASN B 123 -29.63 -5.41 24.81
C ASN B 123 -28.27 -5.52 25.48
N TYR B 124 -27.49 -4.41 25.53
CA TYR B 124 -26.15 -4.39 26.16
C TYR B 124 -26.25 -4.82 27.63
N ARG B 125 -27.24 -4.31 28.34
CA ARG B 125 -27.48 -4.56 29.77
C ARG B 125 -28.21 -5.90 30.05
N ARG B 126 -28.39 -6.72 29.00
CA ARG B 126 -28.95 -8.07 29.07
C ARG B 126 -27.80 -9.11 29.01
N LEU B 127 -26.55 -8.62 28.88
CA LEU B 127 -25.34 -9.47 28.78
C LEU B 127 -24.83 -9.86 30.15
N ASP B 128 -24.44 -11.16 30.32
CA ASP B 128 -23.94 -11.73 31.58
C ASP B 128 -22.43 -11.45 31.70
N ILE B 129 -22.12 -10.20 32.03
CA ILE B 129 -20.77 -9.68 32.12
C ILE B 129 -20.66 -8.70 33.30
N VAL B 130 -19.42 -8.35 33.70
CA VAL B 130 -19.08 -7.36 34.73
C VAL B 130 -19.88 -6.09 34.38
N ARG B 131 -20.66 -5.56 35.34
CA ARG B 131 -21.58 -4.43 35.11
C ARG B 131 -20.90 -3.14 34.61
N SER B 132 -19.61 -2.91 34.93
CA SER B 132 -18.85 -1.75 34.50
C SER B 132 -18.72 -1.67 32.97
N LEU B 133 -18.72 -2.85 32.31
CA LEU B 133 -18.62 -3.04 30.86
C LEU B 133 -19.85 -2.51 30.07
N TYR B 134 -20.98 -2.25 30.74
CA TYR B 134 -22.18 -1.74 30.06
C TYR B 134 -21.94 -0.30 29.58
N GLU B 135 -21.32 0.54 30.44
CA GLU B 135 -20.99 1.94 30.15
C GLU B 135 -19.89 2.02 29.09
N ASP B 136 -18.97 1.01 29.05
CA ASP B 136 -17.89 0.87 28.07
C ASP B 136 -18.48 0.59 26.69
N LEU B 137 -19.45 -0.33 26.63
CA LEU B 137 -20.19 -0.70 25.42
C LEU B 137 -21.01 0.47 24.91
N GLU B 138 -21.60 1.28 25.84
CA GLU B 138 -22.42 2.46 25.49
C GLU B 138 -21.58 3.64 25.00
N ASP B 139 -20.30 3.72 25.41
CA ASP B 139 -19.40 4.81 25.03
C ASP B 139 -18.82 4.54 23.62
N HIS B 140 -19.66 4.71 22.58
CA HIS B 140 -19.34 4.46 21.16
C HIS B 140 -18.26 5.38 20.61
N PRO B 141 -17.47 4.92 19.60
CA PRO B 141 -16.46 5.80 18.99
C PRO B 141 -17.08 7.09 18.45
N ASN B 142 -16.50 8.22 18.87
CA ASN B 142 -17.03 9.54 18.53
C ASN B 142 -15.90 10.41 18.05
N VAL B 143 -16.12 11.08 16.89
CA VAL B 143 -15.14 11.97 16.27
C VAL B 143 -14.88 13.20 17.15
N GLN B 144 -15.96 13.77 17.70
CA GLN B 144 -15.89 14.97 18.56
C GLN B 144 -15.05 14.75 19.83
N LYS B 145 -15.22 13.58 20.50
CA LYS B 145 -14.47 13.22 21.70
C LYS B 145 -12.96 13.15 21.42
N ASP B 146 -12.62 12.53 20.29
CA ASP B 146 -11.25 12.38 19.81
C ASP B 146 -10.61 13.71 19.46
N LEU B 147 -11.40 14.65 18.90
CA LEU B 147 -10.95 16.00 18.55
C LEU B 147 -10.64 16.81 19.80
N GLU B 148 -11.40 16.58 20.89
CA GLU B 148 -11.18 17.21 22.18
C GLU B 148 -9.89 16.67 22.77
N ARG B 149 -9.74 15.33 22.73
CA ARG B 149 -8.56 14.60 23.19
C ARG B 149 -7.29 15.07 22.44
N LEU B 150 -7.37 15.20 21.10
CA LEU B 150 -6.24 15.66 20.28
C LEU B 150 -5.92 17.14 20.52
N THR B 151 -6.96 18.02 20.70
CA THR B 151 -6.83 19.46 21.00
C THR B 151 -6.13 19.64 22.35
N GLN B 152 -6.57 18.87 23.38
CA GLN B 152 -6.00 18.89 24.74
C GLN B 152 -4.52 18.52 24.71
N GLU B 153 -4.15 17.53 23.85
CA GLU B 153 -2.77 17.08 23.64
C GLU B 153 -1.93 18.17 22.94
N ARG B 154 -2.53 18.87 21.96
CA ARG B 154 -1.89 19.96 21.19
C ARG B 154 -1.54 21.13 22.11
N ILE B 155 -2.49 21.57 22.95
CA ILE B 155 -2.32 22.67 23.92
C ILE B 155 -1.27 22.29 24.98
N ALA B 156 -1.22 20.99 25.37
CA ALA B 156 -0.27 20.43 26.35
C ALA B 156 1.19 20.54 25.86
N HIS B 157 1.42 20.35 24.55
CA HIS B 157 2.74 20.43 23.92
C HIS B 157 3.14 21.86 23.53
N MET C 1 16.93 -14.58 27.40
CA MET C 1 15.55 -14.43 26.92
C MET C 1 14.61 -14.81 28.05
N MET C 2 13.93 -13.82 28.66
CA MET C 2 13.06 -14.09 29.80
C MET C 2 11.66 -14.50 29.39
N TYR C 3 11.16 -15.59 29.99
CA TYR C 3 9.85 -16.15 29.76
C TYR C 3 9.06 -16.14 31.06
N VAL C 4 7.73 -16.07 30.95
CA VAL C 4 6.82 -16.17 32.08
C VAL C 4 5.75 -17.24 31.78
N LYS C 5 5.20 -17.83 32.82
CA LYS C 5 4.17 -18.85 32.71
C LYS C 5 2.86 -18.30 33.25
N LEU C 6 1.80 -18.46 32.47
CA LEU C 6 0.46 -18.01 32.81
C LEU C 6 -0.45 -19.24 32.85
N ILE C 7 -0.98 -19.57 34.04
CA ILE C 7 -1.84 -20.75 34.23
C ILE C 7 -3.33 -20.39 34.22
N SER C 8 -4.13 -21.09 33.41
CA SER C 8 -5.59 -20.88 33.32
C SER C 8 -6.30 -21.54 34.50
N SER C 9 -7.61 -21.30 34.61
CA SER C 9 -8.49 -21.86 35.64
C SER C 9 -8.56 -23.38 35.53
N ASP C 10 -8.45 -23.93 34.30
CA ASP C 10 -8.51 -25.37 34.03
C ASP C 10 -7.12 -26.06 33.97
N GLY C 11 -6.07 -25.37 34.46
CA GLY C 11 -4.72 -25.89 34.58
C GLY C 11 -3.82 -25.94 33.36
N HIS C 12 -4.15 -25.18 32.29
CA HIS C 12 -3.28 -25.14 31.10
C HIS C 12 -2.18 -24.11 31.37
N GLU C 13 -0.96 -24.44 30.98
CA GLU C 13 0.21 -23.59 31.18
C GLU C 13 0.64 -22.93 29.86
N PHE C 14 0.67 -21.60 29.86
CA PHE C 14 1.08 -20.78 28.68
C PHE C 14 2.41 -20.08 28.95
N ILE C 15 3.41 -20.40 28.15
CA ILE C 15 4.73 -19.85 28.31
C ILE C 15 4.97 -18.82 27.22
N VAL C 16 5.03 -17.54 27.64
CA VAL C 16 5.23 -16.38 26.78
C VAL C 16 6.48 -15.57 27.19
N LYS C 17 7.09 -14.84 26.25
CA LYS C 17 8.23 -13.98 26.55
C LYS C 17 7.73 -12.92 27.56
N ARG C 18 8.55 -12.59 28.58
CA ARG C 18 8.19 -11.63 29.63
C ARG C 18 7.69 -10.28 29.07
N GLU C 19 8.49 -9.68 28.15
CA GLU C 19 8.22 -8.42 27.44
C GLU C 19 6.83 -8.41 26.77
N HIS C 20 6.38 -9.55 26.25
CA HIS C 20 5.06 -9.72 25.64
C HIS C 20 3.96 -9.76 26.72
N ALA C 21 4.22 -10.43 27.86
CA ALA C 21 3.25 -10.49 28.98
C ALA C 21 3.06 -9.11 29.66
N LEU C 22 4.10 -8.23 29.60
CA LEU C 22 4.09 -6.89 30.17
C LEU C 22 3.15 -5.92 29.42
N THR C 23 2.51 -6.40 28.33
CA THR C 23 1.46 -5.72 27.56
C THR C 23 0.28 -5.48 28.52
N SER C 24 0.01 -6.47 29.40
CA SER C 24 -1.05 -6.40 30.39
C SER C 24 -0.56 -5.61 31.59
N GLY C 25 -1.29 -4.56 31.94
CA GLY C 25 -1.01 -3.69 33.09
C GLY C 25 -1.11 -4.45 34.40
N THR C 26 -2.13 -5.34 34.53
CA THR C 26 -2.37 -6.22 35.68
C THR C 26 -1.18 -7.18 35.86
N ILE C 27 -0.73 -7.87 34.76
CA ILE C 27 0.42 -8.79 34.80
C ILE C 27 1.69 -8.04 35.25
N LYS C 28 1.97 -6.87 34.62
CA LYS C 28 3.11 -5.99 34.93
C LYS C 28 3.10 -5.61 36.41
N ALA C 29 1.91 -5.37 36.98
CA ALA C 29 1.74 -5.02 38.40
C ALA C 29 2.03 -6.24 39.31
N MET C 30 1.56 -7.44 38.92
CA MET C 30 1.77 -8.72 39.62
C MET C 30 3.25 -9.14 39.60
N LEU C 31 4.03 -8.60 38.63
CA LEU C 31 5.47 -8.87 38.48
C LEU C 31 6.28 -7.62 38.93
N SER C 32 5.76 -6.90 39.95
CA SER C 32 6.34 -5.69 40.55
C SER C 32 6.12 -5.59 42.06
N THR C 42 9.69 -13.84 40.60
CA THR C 42 8.29 -14.03 40.22
C THR C 42 8.18 -14.03 38.69
N ASN C 43 7.85 -15.19 38.12
CA ASN C 43 7.69 -15.41 36.69
C ASN C 43 6.56 -16.41 36.38
N GLU C 44 5.60 -16.58 37.34
CA GLU C 44 4.45 -17.49 37.22
C GLU C 44 3.20 -16.81 37.78
N VAL C 45 2.12 -16.71 36.97
CA VAL C 45 0.84 -16.11 37.39
C VAL C 45 -0.34 -17.05 37.12
N ASN C 46 -1.10 -17.36 38.19
CA ASN C 46 -2.27 -18.24 38.14
C ASN C 46 -3.55 -17.40 38.03
N PHE C 47 -4.40 -17.71 37.05
CA PHE C 47 -5.68 -17.02 36.82
C PHE C 47 -6.84 -18.00 37.09
N ARG C 48 -7.28 -18.05 38.36
CA ARG C 48 -8.36 -18.93 38.86
C ARG C 48 -9.72 -18.73 38.18
N GLU C 49 -9.90 -17.64 37.37
CA GLU C 49 -11.16 -17.32 36.70
C GLU C 49 -11.05 -17.09 35.17
N ILE C 50 -9.87 -17.33 34.57
CA ILE C 50 -9.69 -17.21 33.12
C ILE C 50 -9.45 -18.61 32.49
N PRO C 51 -10.43 -19.16 31.73
CA PRO C 51 -10.24 -20.49 31.12
C PRO C 51 -9.24 -20.49 29.95
N SER C 52 -8.67 -21.69 29.62
CA SER C 52 -7.66 -21.88 28.58
C SER C 52 -8.05 -21.38 27.19
N HIS C 53 -9.32 -21.51 26.78
CA HIS C 53 -9.76 -20.99 25.47
C HIS C 53 -9.71 -19.44 25.40
N VAL C 54 -9.75 -18.75 26.57
CA VAL C 54 -9.65 -17.30 26.67
C VAL C 54 -8.15 -16.88 26.82
N LEU C 55 -7.43 -17.55 27.73
CA LEU C 55 -6.01 -17.27 27.98
C LEU C 55 -5.15 -17.43 26.74
N SER C 56 -5.37 -18.51 25.93
CA SER C 56 -4.61 -18.71 24.68
C SER C 56 -4.84 -17.52 23.71
N LYS C 57 -6.12 -17.08 23.59
CA LYS C 57 -6.47 -15.91 22.78
C LYS C 57 -5.81 -14.64 23.30
N VAL C 58 -5.68 -14.46 24.64
CA VAL C 58 -4.98 -13.32 25.27
C VAL C 58 -3.49 -13.28 24.85
N CYS C 59 -2.80 -14.47 24.94
CA CYS C 59 -1.40 -14.65 24.53
C CYS C 59 -1.20 -14.34 23.05
N MET C 60 -2.16 -14.71 22.19
CA MET C 60 -2.11 -14.36 20.76
C MET C 60 -2.19 -12.82 20.58
N TYR C 61 -3.00 -12.10 21.44
CA TYR C 61 -3.09 -10.63 21.37
C TYR C 61 -1.72 -10.01 21.72
N PHE C 62 -1.03 -10.57 22.72
CA PHE C 62 0.28 -10.12 23.16
C PHE C 62 1.30 -10.14 22.01
N THR C 63 1.29 -11.21 21.18
CA THR C 63 2.17 -11.38 20.03
C THR C 63 1.82 -10.34 18.97
N TYR C 64 0.52 -10.25 18.64
CA TYR C 64 -0.05 -9.31 17.70
C TYR C 64 0.37 -7.86 18.02
N LYS C 65 0.18 -7.44 19.29
CA LYS C 65 0.48 -6.10 19.79
C LYS C 65 1.97 -5.73 19.66
N VAL C 66 2.86 -6.61 20.13
CA VAL C 66 4.29 -6.37 20.09
C VAL C 66 4.81 -6.30 18.63
N ARG C 67 4.32 -7.20 17.77
CA ARG C 67 4.70 -7.26 16.37
C ARG C 67 4.18 -6.10 15.56
N TYR C 68 2.94 -5.68 15.78
CA TYR C 68 2.36 -4.63 14.95
C TYR C 68 2.40 -3.21 15.50
N THR C 69 2.52 -3.01 16.83
CA THR C 69 2.65 -1.66 17.39
C THR C 69 3.92 -1.01 16.78
N ASN C 70 3.74 0.18 16.18
CA ASN C 70 4.77 0.99 15.50
C ASN C 70 5.37 0.28 14.27
N SER C 71 4.57 -0.54 13.53
CA SER C 71 5.08 -1.22 12.34
C SER C 71 4.78 -0.39 11.08
N SER C 72 5.50 -0.70 9.97
CA SER C 72 5.35 -0.07 8.67
C SER C 72 4.61 -1.01 7.68
N THR C 73 4.65 -2.35 7.97
CA THR C 73 3.87 -3.37 7.22
C THR C 73 2.40 -3.20 7.64
N GLU C 74 1.44 -3.17 6.66
CA GLU C 74 0.01 -2.96 6.95
C GLU C 74 -0.48 -3.93 8.02
N ILE C 75 -1.39 -3.42 8.87
CA ILE C 75 -1.87 -4.12 10.03
C ILE C 75 -3.14 -4.92 9.73
N PRO C 76 -3.09 -6.24 9.98
CA PRO C 76 -4.31 -7.06 9.82
C PRO C 76 -5.25 -6.89 11.02
N GLU C 77 -6.52 -7.33 10.86
CA GLU C 77 -7.51 -7.31 11.94
C GLU C 77 -7.17 -8.39 12.98
N PHE C 78 -7.44 -8.11 14.27
CA PHE C 78 -7.29 -9.10 15.33
C PHE C 78 -8.67 -9.84 15.36
N PRO C 79 -8.73 -11.10 14.90
CA PRO C 79 -10.04 -11.75 14.80
C PRO C 79 -10.54 -12.36 16.10
N ILE C 80 -11.84 -12.19 16.38
CA ILE C 80 -12.51 -12.69 17.58
C ILE C 80 -13.81 -13.38 17.15
N ALA C 81 -13.93 -14.66 17.50
CA ALA C 81 -15.17 -15.41 17.20
C ALA C 81 -16.27 -14.91 18.13
N PRO C 82 -17.54 -14.85 17.64
CA PRO C 82 -18.66 -14.43 18.52
C PRO C 82 -18.80 -15.21 19.83
N GLU C 83 -18.52 -16.52 19.80
CA GLU C 83 -18.64 -17.42 20.97
C GLU C 83 -17.67 -17.11 22.12
N ILE C 84 -16.52 -16.45 21.83
CA ILE C 84 -15.52 -16.12 22.86
C ILE C 84 -15.50 -14.63 23.24
N ALA C 85 -16.17 -13.76 22.44
CA ALA C 85 -16.26 -12.30 22.57
C ALA C 85 -16.50 -11.76 24.02
N LEU C 86 -17.47 -12.31 24.74
CA LEU C 86 -17.83 -11.86 26.08
C LEU C 86 -16.79 -12.20 27.15
N GLU C 87 -16.29 -13.44 27.15
CA GLU C 87 -15.27 -13.89 28.09
C GLU C 87 -13.93 -13.20 27.80
N LEU C 88 -13.63 -12.99 26.52
CA LEU C 88 -12.44 -12.27 26.09
C LEU C 88 -12.50 -10.80 26.52
N LEU C 89 -13.69 -10.16 26.44
CA LEU C 89 -13.93 -8.77 26.90
C LEU C 89 -13.66 -8.64 28.41
N MET C 90 -14.24 -9.53 29.23
CA MET C 90 -14.02 -9.56 30.68
C MET C 90 -12.53 -9.73 31.07
N ALA C 91 -11.79 -10.65 30.41
CA ALA C 91 -10.36 -10.90 30.62
C ALA C 91 -9.53 -9.66 30.26
N ALA C 92 -9.81 -9.00 29.11
CA ALA C 92 -9.13 -7.78 28.64
C ALA C 92 -9.38 -6.65 29.61
N ASN C 93 -10.59 -6.59 30.18
CA ASN C 93 -10.94 -5.58 31.16
C ASN C 93 -10.15 -5.85 32.47
N PHE C 94 -10.13 -7.10 32.95
CA PHE C 94 -9.41 -7.48 34.16
C PHE C 94 -7.89 -7.35 33.98
N LEU C 95 -7.38 -7.65 32.80
CA LEU C 95 -5.95 -7.65 32.52
C LEU C 95 -5.38 -6.28 32.15
N ASP C 96 -6.26 -5.30 31.81
CA ASP C 96 -5.87 -3.95 31.42
C ASP C 96 -4.85 -4.00 30.25
N CYS C 97 -5.34 -4.57 29.12
CA CYS C 97 -4.60 -4.74 27.87
C CYS C 97 -5.50 -4.50 26.64
N MET D 1 9.13 -13.24 6.62
CA MET D 1 10.36 -13.77 7.19
C MET D 1 10.08 -14.42 8.52
N ASP D 2 9.30 -13.75 9.40
CA ASP D 2 8.99 -14.27 10.73
C ASP D 2 7.76 -15.19 10.76
N VAL D 3 7.86 -16.29 11.53
CA VAL D 3 6.79 -17.28 11.73
C VAL D 3 6.45 -17.34 13.23
N PHE D 4 5.16 -17.40 13.57
CA PHE D 4 4.65 -17.34 14.94
C PHE D 4 3.98 -18.65 15.27
N LEU D 5 4.43 -19.28 16.36
CA LEU D 5 4.02 -20.63 16.70
C LEU D 5 3.54 -20.85 18.11
N MET D 6 2.82 -21.98 18.31
CA MET D 6 2.37 -22.57 19.57
C MET D 6 2.98 -23.98 19.62
N ILE D 7 3.97 -24.20 20.49
CA ILE D 7 4.58 -25.53 20.70
C ILE D 7 3.81 -26.13 21.85
N ARG D 8 2.99 -27.12 21.55
CA ARG D 8 2.09 -27.72 22.51
C ARG D 8 2.41 -29.17 22.83
N ARG D 9 2.29 -29.51 24.13
CA ARG D 9 2.47 -30.86 24.67
C ARG D 9 1.60 -30.94 25.92
N HIS D 10 0.63 -31.89 25.94
CA HIS D 10 -0.29 -32.13 27.06
C HIS D 10 -1.02 -30.83 27.42
N LYS D 11 -0.78 -30.27 28.64
CA LYS D 11 -1.36 -28.99 29.09
C LYS D 11 -0.36 -27.83 29.01
N THR D 12 0.72 -27.98 28.22
CA THR D 12 1.74 -26.92 28.09
C THR D 12 1.69 -26.32 26.67
N THR D 13 1.71 -24.97 26.58
CA THR D 13 1.76 -24.24 25.31
C THR D 13 2.83 -23.19 25.36
N ILE D 14 3.80 -23.24 24.45
CA ILE D 14 4.86 -22.22 24.40
C ILE D 14 4.55 -21.31 23.20
N PHE D 15 4.40 -20.02 23.44
CA PHE D 15 4.23 -19.06 22.36
C PHE D 15 5.62 -18.53 22.00
N THR D 16 6.07 -18.82 20.77
CA THR D 16 7.39 -18.37 20.32
C THR D 16 7.34 -17.95 18.85
N ASP D 17 8.38 -17.21 18.43
CA ASP D 17 8.56 -16.77 17.06
C ASP D 17 9.97 -17.13 16.57
N ALA D 18 10.09 -17.39 15.27
CA ALA D 18 11.35 -17.74 14.62
C ALA D 18 11.35 -17.22 13.17
N LYS D 19 12.44 -17.47 12.44
CA LYS D 19 12.50 -17.06 11.03
C LYS D 19 12.08 -18.28 10.16
N GLU D 20 11.58 -18.03 8.95
CA GLU D 20 11.21 -19.06 7.97
C GLU D 20 12.46 -19.86 7.52
N SER D 21 13.66 -19.25 7.70
CA SER D 21 14.99 -19.77 7.36
C SER D 21 15.58 -20.66 8.46
N SER D 22 15.15 -20.50 9.72
CA SER D 22 15.65 -21.28 10.86
C SER D 22 15.23 -22.74 10.71
N THR D 23 16.03 -23.66 11.29
CA THR D 23 15.76 -25.10 11.20
C THR D 23 14.89 -25.63 12.34
N VAL D 24 14.39 -26.84 12.18
CA VAL D 24 13.60 -27.56 13.20
C VAL D 24 14.49 -27.79 14.46
N PHE D 25 15.80 -28.05 14.26
CA PHE D 25 16.79 -28.22 15.33
C PHE D 25 16.94 -26.95 16.19
N GLU D 26 16.98 -25.78 15.56
CA GLU D 26 17.04 -24.47 16.23
C GLU D 26 15.80 -24.22 17.09
N LEU D 27 14.64 -24.73 16.64
CA LEU D 27 13.36 -24.68 17.38
C LEU D 27 13.44 -25.59 18.63
N LYS D 28 14.00 -26.80 18.47
CA LYS D 28 14.26 -27.78 19.56
C LYS D 28 15.20 -27.16 20.62
N ARG D 29 16.15 -26.29 20.17
CA ARG D 29 17.07 -25.56 21.01
C ARG D 29 16.33 -24.46 21.84
N ILE D 30 15.29 -23.78 21.23
CA ILE D 30 14.43 -22.81 21.95
C ILE D 30 13.68 -23.58 23.07
N VAL D 31 13.12 -24.76 22.76
CA VAL D 31 12.38 -25.59 23.74
C VAL D 31 13.28 -26.02 24.89
N GLU D 32 14.52 -26.42 24.57
CA GLU D 32 15.56 -26.82 25.53
C GLU D 32 15.83 -25.72 26.59
N GLY D 33 15.88 -24.48 26.15
CA GLY D 33 16.08 -23.34 27.03
C GLY D 33 14.94 -23.17 28.00
N ILE D 34 13.71 -23.44 27.54
CA ILE D 34 12.49 -23.27 28.34
C ILE D 34 12.19 -24.48 29.23
N LEU D 35 12.13 -25.71 28.64
CA LEU D 35 11.70 -26.94 29.33
C LEU D 35 12.81 -27.86 29.83
N LYS D 36 14.07 -27.49 29.57
CA LYS D 36 15.29 -28.16 30.03
C LYS D 36 15.38 -29.63 29.59
N ARG D 37 14.97 -29.92 28.34
CA ARG D 37 15.10 -31.25 27.74
C ARG D 37 15.92 -31.08 26.47
N PRO D 38 17.03 -31.83 26.30
CA PRO D 38 17.83 -31.69 25.08
C PRO D 38 17.10 -32.03 23.77
N PRO D 39 17.54 -31.49 22.60
CA PRO D 39 16.87 -31.80 21.31
C PRO D 39 16.64 -33.28 20.97
N ASP D 40 17.53 -34.19 21.44
CA ASP D 40 17.47 -35.63 21.18
C ASP D 40 16.38 -36.34 22.06
N GLU D 41 15.81 -35.61 23.01
CA GLU D 41 14.71 -36.07 23.84
C GLU D 41 13.38 -35.45 23.29
N GLN D 42 13.44 -34.85 22.09
CA GLN D 42 12.29 -34.18 21.46
C GLN D 42 11.91 -34.69 20.09
N ARG D 43 10.61 -34.77 19.85
CA ARG D 43 9.97 -35.10 18.57
C ARG D 43 8.96 -33.99 18.31
N LEU D 44 9.15 -33.25 17.19
CA LEU D 44 8.29 -32.15 16.73
C LEU D 44 7.44 -32.60 15.55
N TYR D 45 6.21 -32.11 15.51
CA TYR D 45 5.23 -32.52 14.51
C TYR D 45 4.44 -31.36 13.97
N LYS D 46 4.07 -31.46 12.69
CA LYS D 46 3.12 -30.60 12.02
C LYS D 46 2.01 -31.54 11.58
N ASP D 47 0.77 -31.32 12.08
CA ASP D 47 -0.41 -32.13 11.74
C ASP D 47 -0.10 -33.64 11.75
N ASP D 48 0.40 -34.15 12.91
CA ASP D 48 0.78 -35.55 13.15
C ASP D 48 1.94 -36.07 12.24
N GLN D 49 2.65 -35.16 11.55
CA GLN D 49 3.79 -35.51 10.71
C GLN D 49 5.09 -35.09 11.35
N LEU D 50 6.06 -36.02 11.44
CA LEU D 50 7.35 -35.76 12.05
C LEU D 50 8.20 -34.77 11.26
N LEU D 51 8.75 -33.77 11.96
CA LEU D 51 9.60 -32.73 11.41
C LEU D 51 11.08 -33.11 11.54
N ASP D 52 11.83 -33.03 10.42
CA ASP D 52 13.27 -33.37 10.41
C ASP D 52 14.12 -32.21 10.81
N ASP D 53 15.14 -32.46 11.63
CA ASP D 53 16.08 -31.50 12.22
C ASP D 53 16.73 -30.54 11.26
N GLY D 54 17.16 -31.06 10.10
CA GLY D 54 17.83 -30.31 9.06
C GLY D 54 16.95 -29.42 8.22
N LYS D 55 15.61 -29.61 8.30
CA LYS D 55 14.66 -28.83 7.50
C LYS D 55 14.40 -27.45 8.09
N THR D 56 14.26 -26.44 7.20
CA THR D 56 13.91 -25.08 7.63
C THR D 56 12.41 -25.08 7.91
N LEU D 57 11.94 -24.11 8.72
CA LEU D 57 10.51 -23.95 9.02
C LEU D 57 9.65 -23.67 7.78
N GLY D 58 10.19 -22.89 6.85
CA GLY D 58 9.53 -22.63 5.58
C GLY D 58 9.28 -23.90 4.78
N GLU D 59 10.30 -24.78 4.71
CA GLU D 59 10.27 -26.09 4.03
C GLU D 59 9.25 -27.06 4.65
N CYS D 60 8.94 -26.88 5.96
CA CYS D 60 7.95 -27.66 6.73
C CYS D 60 6.51 -27.18 6.47
N GLY D 61 6.36 -25.97 5.92
CA GLY D 61 5.06 -25.37 5.62
C GLY D 61 4.64 -24.19 6.46
N PHE D 62 5.51 -23.76 7.42
CA PHE D 62 5.27 -22.61 8.30
C PHE D 62 5.74 -21.32 7.59
N THR D 63 4.77 -20.50 7.15
CA THR D 63 5.03 -19.26 6.43
C THR D 63 4.29 -18.10 7.09
N SER D 64 4.51 -16.87 6.58
CA SER D 64 3.89 -15.62 7.01
C SER D 64 2.36 -15.61 6.76
N GLN D 65 1.86 -16.59 5.99
CA GLN D 65 0.45 -16.75 5.64
C GLN D 65 -0.25 -17.80 6.49
N THR D 66 0.49 -18.80 6.98
CA THR D 66 -0.02 -19.91 7.79
C THR D 66 0.31 -19.80 9.31
N ALA D 67 1.37 -19.02 9.67
CA ALA D 67 1.89 -18.82 11.03
C ALA D 67 1.98 -17.32 11.39
N ARG D 68 0.82 -16.73 11.73
CA ARG D 68 0.69 -15.30 12.00
C ARG D 68 0.69 -14.91 13.49
N PRO D 69 1.09 -13.66 13.87
CA PRO D 69 1.03 -13.27 15.30
C PRO D 69 -0.34 -13.51 15.93
N GLN D 70 -1.41 -13.10 15.24
CA GLN D 70 -2.81 -13.21 15.69
C GLN D 70 -3.40 -14.60 15.53
N ALA D 71 -2.75 -15.48 14.72
CA ALA D 71 -3.20 -16.83 14.42
C ALA D 71 -2.00 -17.78 14.22
N PRO D 72 -1.30 -18.14 15.34
CA PRO D 72 -0.08 -18.97 15.21
C PRO D 72 -0.30 -20.39 14.79
N ALA D 73 0.69 -20.96 14.09
CA ALA D 73 0.64 -22.38 13.71
C ALA D 73 1.04 -23.24 14.91
N THR D 74 0.40 -24.39 15.07
CA THR D 74 0.62 -25.35 16.14
C THR D 74 1.70 -26.38 15.76
N VAL D 75 2.69 -26.53 16.65
CA VAL D 75 3.74 -27.52 16.55
C VAL D 75 3.52 -28.52 17.71
N GLY D 76 3.45 -29.80 17.39
CA GLY D 76 3.27 -30.83 18.40
C GLY D 76 4.62 -31.15 19.03
N LEU D 77 4.60 -31.66 20.27
CA LEU D 77 5.80 -32.01 21.00
C LEU D 77 5.59 -33.28 21.88
N ALA D 78 6.44 -34.31 21.68
CA ALA D 78 6.48 -35.58 22.42
C ALA D 78 7.85 -35.71 23.09
N PHE D 79 7.88 -36.08 24.39
CA PHE D 79 9.15 -36.24 25.11
C PHE D 79 9.55 -37.68 25.19
N ARG D 80 10.85 -37.90 25.40
CA ARG D 80 11.43 -39.23 25.57
C ARG D 80 11.54 -39.49 27.09
N ALA D 81 11.02 -40.64 27.54
CA ALA D 81 11.04 -41.08 28.93
C ALA D 81 11.56 -42.51 28.94
N ASP D 82 12.65 -42.80 29.69
CA ASP D 82 13.29 -44.12 29.78
C ASP D 82 13.58 -44.72 28.35
N ASP D 83 14.15 -43.87 27.46
CA ASP D 83 14.57 -44.18 26.08
C ASP D 83 13.41 -44.54 25.13
N THR D 84 12.21 -44.10 25.48
CA THR D 84 11.00 -44.35 24.72
C THR D 84 10.21 -43.06 24.63
N PHE D 85 9.85 -42.67 23.41
CA PHE D 85 9.04 -41.48 23.22
C PHE D 85 7.59 -41.82 23.50
N GLU D 86 6.92 -40.94 24.23
CA GLU D 86 5.51 -41.11 24.55
C GLU D 86 4.71 -40.87 23.26
N ALA D 87 3.43 -41.27 23.22
CA ALA D 87 2.55 -40.98 22.10
C ALA D 87 2.31 -39.47 22.10
N LEU D 88 2.27 -38.83 20.91
CA LEU D 88 2.00 -37.39 20.81
C LEU D 88 0.60 -37.11 21.39
N CYS D 89 0.56 -36.29 22.44
CA CYS D 89 -0.67 -36.04 23.17
C CYS D 89 -0.82 -34.58 23.46
N ILE D 90 -1.87 -33.97 22.90
CA ILE D 90 -2.16 -32.55 23.09
C ILE D 90 -3.55 -32.41 23.69
N GLU D 91 -3.65 -31.83 24.90
CA GLU D 91 -4.93 -31.59 25.57
C GLU D 91 -5.66 -30.41 24.95
N PRO D 92 -6.93 -30.58 24.54
CA PRO D 92 -7.67 -29.44 23.96
C PRO D 92 -7.91 -28.35 24.99
N PHE D 93 -8.13 -27.14 24.49
CA PHE D 93 -8.47 -26.02 25.37
C PHE D 93 -9.94 -26.22 25.78
N SER D 94 -10.41 -25.47 26.79
CA SER D 94 -11.79 -25.50 27.25
C SER D 94 -12.72 -24.99 26.15
N SER D 95 -14.02 -25.31 26.22
CA SER D 95 -15.02 -24.89 25.24
C SER D 95 -15.82 -23.65 25.70
N PRO D 96 -16.15 -22.71 24.78
CA PRO D 96 -16.93 -21.54 25.20
C PRO D 96 -18.39 -21.93 25.44
N PRO D 97 -19.18 -21.13 26.20
CA PRO D 97 -20.61 -21.47 26.35
C PRO D 97 -21.34 -21.26 25.03
N GLU D 98 -22.62 -21.72 24.98
CA GLU D 98 -23.50 -21.57 23.83
C GLU D 98 -23.72 -20.06 23.66
N LEU D 99 -23.75 -19.59 22.40
CA LEU D 99 -23.93 -18.16 22.08
C LEU D 99 -25.24 -17.59 22.68
N PRO D 100 -25.19 -16.47 23.48
CA PRO D 100 -26.42 -15.91 24.04
C PRO D 100 -27.40 -15.48 22.96
N ASP D 101 -28.70 -15.57 23.27
CA ASP D 101 -29.83 -15.22 22.40
C ASP D 101 -29.73 -13.82 21.79
N VAL D 102 -29.29 -12.81 22.58
CA VAL D 102 -29.12 -11.42 22.15
C VAL D 102 -27.97 -11.26 21.12
N MET D 103 -27.00 -12.21 21.12
CA MET D 103 -25.84 -12.19 20.21
C MET D 103 -26.13 -12.84 18.85
N LYS D 104 -27.32 -13.45 18.73
CA LYS D 104 -27.81 -14.08 17.49
C LYS D 104 -28.56 -13.01 16.68
N MET E 2 59.09 12.40 32.56
CA MET E 2 58.95 11.94 31.18
C MET E 2 59.03 10.42 31.04
N ALA E 3 60.03 9.79 31.71
CA ALA E 3 60.26 8.34 31.70
C ALA E 3 59.09 7.52 32.29
N GLU E 4 58.27 8.17 33.14
CA GLU E 4 57.07 7.58 33.76
C GLU E 4 55.92 7.40 32.74
N LYS E 5 55.86 8.23 31.67
CA LYS E 5 54.81 8.12 30.64
C LYS E 5 55.04 6.91 29.73
N LEU E 6 56.28 6.42 29.67
CA LEU E 6 56.64 5.23 28.91
C LEU E 6 56.01 3.99 29.56
N SER E 7 55.94 3.98 30.90
CA SER E 7 55.36 2.93 31.73
C SER E 7 53.89 2.57 31.37
N PRO E 8 53.64 1.25 31.20
CA PRO E 8 52.27 0.81 30.92
C PRO E 8 51.34 0.93 32.14
N ASN E 9 50.04 0.83 31.89
CA ASN E 9 49.03 0.87 32.94
C ASN E 9 49.07 -0.48 33.69
N PRO E 10 48.62 -0.56 34.97
CA PRO E 10 48.57 -1.87 35.63
C PRO E 10 47.67 -2.83 34.82
N PRO E 11 48.02 -4.15 34.70
CA PRO E 11 47.19 -5.06 33.88
C PRO E 11 45.71 -5.16 34.25
N LYS E 12 45.37 -4.89 35.52
CA LYS E 12 44.01 -4.90 36.06
C LYS E 12 43.21 -3.77 35.44
N LEU E 13 43.83 -2.57 35.28
CA LEU E 13 43.23 -1.39 34.68
C LEU E 13 42.94 -1.60 33.18
N THR E 14 43.91 -2.21 32.45
CA THR E 14 43.80 -2.53 31.02
C THR E 14 42.67 -3.56 30.84
N LYS E 15 42.62 -4.58 31.72
CA LYS E 15 41.57 -5.61 31.72
C LYS E 15 40.19 -4.96 31.91
N GLN E 16 40.06 -4.00 32.87
CA GLN E 16 38.82 -3.25 33.16
C GLN E 16 38.33 -2.44 31.95
N MET E 17 39.24 -1.65 31.32
CA MET E 17 39.00 -0.82 30.12
C MET E 17 38.49 -1.65 28.95
N ASN E 18 39.10 -2.84 28.72
CA ASN E 18 38.76 -3.78 27.66
C ASN E 18 37.41 -4.47 27.90
N ALA E 19 37.13 -4.94 29.15
CA ALA E 19 35.84 -5.58 29.48
C ALA E 19 34.68 -4.61 29.23
N ILE E 20 34.83 -3.30 29.59
CA ILE E 20 33.80 -2.27 29.40
C ILE E 20 33.54 -2.05 27.90
N ILE E 21 34.62 -1.75 27.13
CA ILE E 21 34.53 -1.45 25.71
C ILE E 21 33.97 -2.65 24.90
N ASP E 22 34.32 -3.89 25.26
CA ASP E 22 33.81 -5.09 24.59
C ASP E 22 32.31 -5.29 24.87
N THR E 23 31.82 -4.84 26.04
CA THR E 23 30.40 -4.91 26.44
C THR E 23 29.61 -3.91 25.58
N VAL E 24 30.21 -2.74 25.31
CA VAL E 24 29.61 -1.68 24.48
C VAL E 24 29.57 -2.14 23.01
N ILE E 25 30.71 -2.66 22.50
CA ILE E 25 30.86 -3.12 21.11
C ILE E 25 29.99 -4.35 20.83
N ASN E 26 29.94 -5.32 21.75
CA ASN E 26 29.18 -6.56 21.54
C ASN E 26 27.68 -6.43 21.73
N TYR E 27 27.22 -5.35 22.40
CA TYR E 27 25.81 -5.10 22.70
C TYR E 27 24.89 -5.21 21.48
N LYS E 28 23.79 -5.96 21.66
CA LYS E 28 22.76 -6.20 20.65
C LYS E 28 21.41 -5.86 21.26
N ASP E 29 20.55 -5.16 20.51
CA ASP E 29 19.21 -4.81 21.01
C ASP E 29 18.28 -6.07 21.02
N SER E 30 17.00 -5.91 21.38
CA SER E 30 16.03 -7.02 21.46
C SER E 30 15.83 -7.76 20.10
N SER E 31 16.08 -7.06 18.97
CA SER E 31 15.96 -7.61 17.62
C SER E 31 17.26 -8.28 17.10
N GLY E 32 18.27 -8.42 17.97
CA GLY E 32 19.56 -9.03 17.67
C GLY E 32 20.54 -8.16 16.90
N ARG E 33 20.28 -6.82 16.82
CA ARG E 33 21.12 -5.88 16.09
C ARG E 33 22.25 -5.27 16.93
N GLN E 34 23.51 -5.43 16.48
CA GLN E 34 24.70 -4.88 17.14
C GLN E 34 24.73 -3.38 16.85
N LEU E 35 24.40 -2.57 17.87
CA LEU E 35 24.25 -1.11 17.78
C LEU E 35 25.54 -0.32 17.45
N SER E 36 26.72 -0.84 17.83
CA SER E 36 28.02 -0.20 17.61
C SER E 36 28.52 -0.30 16.16
N GLU E 37 27.91 -1.19 15.34
CA GLU E 37 28.31 -1.53 13.96
C GLU E 37 28.81 -0.35 13.13
N VAL E 38 27.99 0.71 13.02
CA VAL E 38 28.24 1.94 12.27
C VAL E 38 29.38 2.81 12.90
N PHE E 39 29.64 2.65 14.22
CA PHE E 39 30.63 3.44 14.96
C PHE E 39 32.01 2.80 15.11
N ILE E 40 32.23 1.58 14.51
CA ILE E 40 33.51 0.89 14.59
C ILE E 40 34.58 1.68 13.83
N GLN E 41 34.26 2.15 12.62
CA GLN E 41 35.18 2.93 11.79
C GLN E 41 34.50 4.14 11.17
N LEU E 42 35.14 5.31 11.28
CA LEU E 42 34.67 6.58 10.73
C LEU E 42 34.68 6.54 9.22
N PRO E 43 33.75 7.23 8.49
CA PRO E 43 33.89 7.30 7.03
C PRO E 43 35.08 8.21 6.71
N SER E 44 35.69 8.07 5.53
CA SER E 44 36.83 8.92 5.21
C SER E 44 36.39 10.35 4.88
N ARG E 45 37.37 11.26 4.83
CA ARG E 45 37.22 12.67 4.46
C ARG E 45 36.72 12.78 3.03
N LYS E 46 37.14 11.86 2.15
CA LYS E 46 36.73 11.82 0.75
C LYS E 46 35.26 11.39 0.62
N GLU E 47 34.84 10.34 1.40
CA GLU E 47 33.48 9.78 1.47
C GLU E 47 32.48 10.77 2.09
N LEU E 48 32.81 11.32 3.29
CA LEU E 48 31.91 12.27 3.98
C LEU E 48 32.63 13.53 4.47
N PRO E 49 32.96 14.48 3.56
CA PRO E 49 33.70 15.70 3.99
C PRO E 49 32.94 16.62 4.94
N GLU E 50 31.59 16.57 4.88
CA GLU E 50 30.65 17.34 5.70
C GLU E 50 30.82 16.99 7.17
N TYR E 51 31.22 15.75 7.46
CA TYR E 51 31.41 15.29 8.84
C TYR E 51 32.61 16.04 9.39
N TYR E 52 33.66 16.16 8.59
CA TYR E 52 34.91 16.77 8.99
C TYR E 52 34.83 18.29 9.03
N GLU E 53 33.86 18.87 8.28
CA GLU E 53 33.61 20.31 8.27
C GLU E 53 33.02 20.75 9.63
N LEU E 54 32.18 19.91 10.27
CA LEU E 54 31.60 20.33 11.54
C LEU E 54 32.08 19.51 12.77
N ILE E 55 32.57 18.26 12.62
CA ILE E 55 33.11 17.51 13.78
C ILE E 55 34.63 17.77 13.92
N ARG E 56 35.01 18.50 14.99
CA ARG E 56 36.38 18.96 15.30
C ARG E 56 37.34 17.89 15.83
N LYS E 57 36.83 16.92 16.63
CA LYS E 57 37.61 15.83 17.23
C LYS E 57 36.97 14.49 16.86
N PRO E 58 37.17 14.01 15.60
CA PRO E 58 36.56 12.73 15.20
C PRO E 58 37.23 11.52 15.86
N VAL E 59 36.43 10.52 16.25
CA VAL E 59 36.85 9.31 16.96
C VAL E 59 35.86 8.16 16.69
N ASP E 60 36.38 6.92 16.59
CA ASP E 60 35.59 5.71 16.38
C ASP E 60 36.04 4.62 17.39
N PHE E 61 35.28 3.51 17.52
CA PHE E 61 35.64 2.43 18.43
C PHE E 61 37.00 1.77 18.10
N LYS E 62 37.56 2.01 16.89
CA LYS E 62 38.87 1.51 16.45
C LYS E 62 39.98 2.30 17.13
N LYS E 63 39.86 3.64 17.14
CA LYS E 63 40.81 4.56 17.77
C LYS E 63 40.71 4.44 19.30
N ILE E 64 39.52 4.07 19.82
CA ILE E 64 39.30 3.89 21.25
C ILE E 64 40.06 2.63 21.78
N LYS E 65 39.88 1.48 21.08
CA LYS E 65 40.53 0.21 21.42
C LYS E 65 42.05 0.31 21.32
N GLU E 66 42.54 1.06 20.33
CA GLU E 66 43.95 1.34 20.09
C GLU E 66 44.53 2.12 21.26
N ARG E 67 43.77 3.13 21.76
CA ARG E 67 44.15 3.99 22.87
C ARG E 67 44.26 3.22 24.21
N ILE E 68 43.45 2.14 24.41
CA ILE E 68 43.50 1.26 25.60
C ILE E 68 44.83 0.47 25.53
N ARG E 69 45.00 -0.27 24.42
CA ARG E 69 46.11 -1.14 24.05
C ARG E 69 47.48 -0.42 24.16
N ASN E 70 47.55 0.88 23.78
CA ASN E 70 48.76 1.69 23.82
C ASN E 70 48.95 2.49 25.13
N HIS E 71 48.03 2.32 26.10
CA HIS E 71 48.05 2.95 27.42
C HIS E 71 47.87 4.50 27.37
N LYS E 72 47.13 5.04 26.37
CA LYS E 72 46.86 6.48 26.27
C LYS E 72 45.95 6.94 27.42
N TYR E 73 44.91 6.12 27.71
CA TYR E 73 43.99 6.40 28.80
C TYR E 73 44.68 5.95 30.08
N ARG E 74 44.74 6.84 31.09
CA ARG E 74 45.41 6.57 32.37
C ARG E 74 44.42 6.20 33.48
N SER E 75 43.11 6.34 33.21
CA SER E 75 42.02 6.06 34.15
C SER E 75 40.76 5.68 33.37
N LEU E 76 39.75 5.11 34.04
CA LEU E 76 38.48 4.75 33.40
C LEU E 76 37.73 6.03 32.97
N GLY E 77 38.02 7.16 33.64
CA GLY E 77 37.46 8.47 33.33
C GLY E 77 37.96 8.99 31.99
N ASP E 78 39.25 8.73 31.66
CA ASP E 78 39.85 9.10 30.36
C ASP E 78 39.14 8.33 29.22
N LEU E 79 38.87 7.03 29.46
CA LEU E 79 38.14 6.15 28.53
C LEU E 79 36.71 6.68 28.32
N GLU E 80 36.07 7.16 29.41
CA GLU E 80 34.71 7.72 29.46
C GLU E 80 34.56 8.97 28.62
N LYS E 81 35.49 9.94 28.78
CA LYS E 81 35.53 11.19 28.01
C LYS E 81 35.51 10.91 26.51
N ASP E 82 36.25 9.88 26.05
CA ASP E 82 36.35 9.48 24.63
C ASP E 82 35.10 8.78 24.08
N VAL E 83 34.47 7.88 24.87
CA VAL E 83 33.23 7.19 24.50
C VAL E 83 32.07 8.19 24.38
N MET E 84 32.03 9.19 25.29
CA MET E 84 30.99 10.22 25.28
C MET E 84 31.17 11.19 24.14
N LEU E 85 32.43 11.53 23.83
CA LEU E 85 32.76 12.41 22.70
C LEU E 85 32.25 11.76 21.40
N LEU E 86 32.52 10.44 21.19
CA LEU E 86 32.10 9.70 20.00
C LEU E 86 30.57 9.80 19.79
N CYS E 87 29.79 9.53 20.85
CA CYS E 87 28.32 9.58 20.84
C CYS E 87 27.79 11.00 20.64
N HIS E 88 28.41 12.01 21.30
CA HIS E 88 28.00 13.41 21.12
C HIS E 88 28.34 13.90 19.69
N ASN E 89 29.41 13.37 19.06
CA ASN E 89 29.78 13.71 17.66
C ASN E 89 28.71 13.21 16.69
N ALA E 90 28.23 11.97 16.93
CA ALA E 90 27.21 11.25 16.17
C ALA E 90 25.85 11.94 16.28
N GLN E 91 25.57 12.52 17.46
CA GLN E 91 24.35 13.27 17.79
C GLN E 91 24.30 14.63 17.12
N THR E 92 25.39 15.40 17.25
CA THR E 92 25.60 16.72 16.64
C THR E 92 25.50 16.67 15.10
N PHE E 93 26.16 15.68 14.48
CA PHE E 93 26.12 15.52 13.04
C PHE E 93 24.74 15.09 12.50
N ASN E 94 24.17 14.00 13.07
CA ASN E 94 22.96 13.39 12.54
C ASN E 94 21.66 13.98 13.02
N LEU E 95 21.66 14.61 14.21
CA LEU E 95 20.49 15.27 14.85
C LEU E 95 19.43 14.27 15.33
N GLU E 96 18.57 14.69 16.27
CA GLU E 96 17.50 13.85 16.86
C GLU E 96 16.51 13.41 15.75
N GLY E 97 15.86 12.27 15.93
CA GLY E 97 14.96 11.70 14.95
C GLY E 97 15.62 10.67 14.05
N SER E 98 16.94 10.52 14.15
CA SER E 98 17.69 9.55 13.35
C SER E 98 17.99 8.32 14.20
N GLN E 99 18.11 7.14 13.58
CA GLN E 99 18.37 5.88 14.28
C GLN E 99 19.74 5.86 14.95
N ILE E 100 20.75 6.39 14.25
CA ILE E 100 22.13 6.53 14.68
C ILE E 100 22.21 7.36 15.98
N TYR E 101 21.40 8.44 16.07
CA TYR E 101 21.29 9.34 17.24
C TYR E 101 20.82 8.49 18.41
N GLU E 102 19.71 7.72 18.20
CA GLU E 102 19.10 6.85 19.21
C GLU E 102 20.04 5.74 19.67
N ASP E 103 20.73 5.05 18.72
CA ASP E 103 21.70 3.99 19.00
C ASP E 103 22.88 4.54 19.85
N SER E 104 23.35 5.77 19.57
CA SER E 104 24.44 6.40 20.30
C SER E 104 24.04 6.72 21.77
N ILE E 105 22.73 6.97 22.02
CA ILE E 105 22.20 7.23 23.37
C ILE E 105 22.13 5.92 24.20
N VAL E 106 21.72 4.79 23.57
CA VAL E 106 21.68 3.46 24.18
C VAL E 106 23.13 3.03 24.56
N LEU E 107 24.08 3.28 23.65
CA LEU E 107 25.50 2.97 23.88
C LEU E 107 26.12 3.79 25.03
N GLN E 108 25.67 5.06 25.23
CA GLN E 108 26.08 5.88 26.39
C GLN E 108 25.64 5.19 27.67
N SER E 109 24.38 4.70 27.71
CA SER E 109 23.78 3.96 28.83
C SER E 109 24.50 2.62 29.09
N VAL E 110 24.83 1.85 28.01
CA VAL E 110 25.60 0.58 28.08
C VAL E 110 26.96 0.84 28.77
N PHE E 111 27.68 1.93 28.37
CA PHE E 111 28.95 2.33 28.98
C PHE E 111 28.81 2.59 30.49
N LYS E 112 27.86 3.48 30.90
CA LYS E 112 27.60 3.84 32.32
C LYS E 112 27.31 2.58 33.18
N SER E 113 26.48 1.66 32.64
CA SER E 113 26.08 0.39 33.26
C SER E 113 27.28 -0.55 33.46
N ALA E 114 28.10 -0.74 32.41
CA ALA E 114 29.30 -1.61 32.45
C ALA E 114 30.41 -0.99 33.31
N ARG E 115 30.44 0.35 33.39
CA ARG E 115 31.36 1.14 34.20
C ARG E 115 31.04 0.94 35.71
N GLN E 116 29.74 1.00 36.07
CA GLN E 116 29.20 0.81 37.41
C GLN E 116 29.42 -0.61 37.91
N LYS E 117 29.35 -1.61 37.01
CA LYS E 117 29.55 -3.04 37.28
C LYS E 117 30.98 -3.32 37.78
N ILE E 118 31.99 -2.82 37.05
CA ILE E 118 33.42 -2.95 37.37
C ILE E 118 33.73 -2.34 38.77
N ALA E 119 33.15 -1.15 39.07
CA ALA E 119 33.29 -0.41 40.33
C ALA E 119 32.73 -1.18 41.54
N LYS E 120 31.58 -1.85 41.37
CA LYS E 120 30.90 -2.64 42.41
C LYS E 120 31.70 -3.92 42.72
N GLU E 121 32.37 -4.50 41.69
CA GLU E 121 33.20 -5.71 41.76
C GLU E 121 34.51 -5.52 42.56
N GLU E 122 34.99 -4.27 42.69
CA GLU E 122 36.23 -3.90 43.42
C GLU E 122 36.17 -4.28 44.90
N PRO F 10 25.13 20.46 -10.44
CA PRO F 10 24.04 19.57 -10.88
C PRO F 10 22.69 19.99 -10.35
N VAL F 11 21.66 19.94 -11.19
CA VAL F 11 20.31 20.36 -10.78
C VAL F 11 19.63 19.25 -10.00
N LEU F 12 19.95 17.99 -10.35
CA LEU F 12 19.41 16.82 -9.66
C LEU F 12 20.42 16.41 -8.60
N ARG F 13 20.16 16.86 -7.36
CA ARG F 13 20.99 16.64 -6.19
C ARG F 13 20.20 16.93 -4.92
N SER F 14 20.70 16.43 -3.78
CA SER F 14 20.13 16.73 -2.49
C SER F 14 20.74 18.02 -1.98
N VAL F 15 19.96 18.77 -1.19
CA VAL F 15 20.44 19.98 -0.51
C VAL F 15 20.89 19.56 0.90
N ASN F 16 22.05 20.07 1.35
CA ASN F 16 22.50 19.78 2.72
C ASN F 16 21.72 20.69 3.71
N SER F 17 20.44 20.37 3.91
CA SER F 17 19.49 21.12 4.73
C SER F 17 19.68 20.98 6.23
N ARG F 18 20.08 19.76 6.68
CA ARG F 18 20.26 19.43 8.09
C ARG F 18 18.90 19.59 8.82
N GLU F 19 17.79 19.37 8.08
CA GLU F 19 16.43 19.46 8.60
C GLU F 19 15.80 18.07 8.60
N PRO F 20 15.78 17.37 9.76
CA PRO F 20 15.22 16.00 9.80
C PRO F 20 13.80 15.79 9.22
N SER F 21 13.58 14.63 8.55
CA SER F 21 12.30 14.22 7.96
C SER F 21 12.14 12.67 8.00
N GLN F 22 11.08 12.18 8.69
CA GLN F 22 10.75 10.75 8.81
C GLN F 22 9.93 10.38 7.60
N VAL F 23 10.31 9.27 6.95
CA VAL F 23 9.70 8.78 5.73
C VAL F 23 9.34 7.30 5.87
N ILE F 24 8.24 6.86 5.24
CA ILE F 24 7.90 5.45 5.19
C ILE F 24 8.13 4.98 3.74
N PHE F 25 9.06 4.02 3.53
CA PHE F 25 9.31 3.43 2.20
C PHE F 25 8.43 2.20 2.16
N CYS F 26 7.55 2.10 1.16
CA CYS F 26 6.64 0.96 1.04
C CYS F 26 6.72 0.36 -0.36
N ASN F 27 7.28 -0.86 -0.48
CA ASN F 27 7.42 -1.56 -1.77
C ASN F 27 6.12 -2.25 -2.11
N ARG F 28 5.32 -1.59 -2.94
CA ARG F 28 4.04 -2.12 -3.39
C ARG F 28 4.17 -2.63 -4.86
N SER F 29 5.29 -3.30 -5.15
CA SER F 29 5.62 -3.85 -6.47
C SER F 29 6.00 -5.32 -6.30
N PRO F 30 5.97 -6.18 -7.36
CA PRO F 30 6.42 -7.58 -7.19
C PRO F 30 7.94 -7.73 -7.27
N ARG F 31 8.67 -6.60 -7.38
CA ARG F 31 10.12 -6.59 -7.50
C ARG F 31 10.86 -6.26 -6.20
N VAL F 32 12.13 -6.71 -6.09
CA VAL F 32 13.06 -6.35 -5.01
C VAL F 32 13.48 -4.93 -5.40
N VAL F 33 13.26 -3.97 -4.49
CA VAL F 33 13.49 -2.54 -4.75
C VAL F 33 14.81 -2.03 -4.21
N LEU F 34 15.54 -1.29 -5.05
CA LEU F 34 16.75 -0.59 -4.70
C LEU F 34 16.43 0.93 -4.50
N PRO F 35 16.40 1.43 -3.25
CA PRO F 35 16.25 2.87 -3.04
C PRO F 35 17.61 3.51 -3.37
N VAL F 36 17.59 4.59 -4.14
CA VAL F 36 18.80 5.28 -4.58
C VAL F 36 18.68 6.71 -4.08
N TRP F 37 19.69 7.15 -3.33
CA TRP F 37 19.78 8.51 -2.82
C TRP F 37 20.78 9.33 -3.64
N LEU F 38 20.37 10.52 -4.09
CA LEU F 38 21.28 11.40 -4.82
C LEU F 38 21.99 12.24 -3.81
N ASN F 39 23.33 12.16 -3.75
CA ASN F 39 24.07 12.90 -2.72
C ASN F 39 24.11 14.44 -3.00
N PHE F 40 24.86 15.19 -2.17
CA PHE F 40 24.97 16.66 -2.29
C PHE F 40 25.66 17.12 -3.61
N ASP F 41 26.28 16.17 -4.36
CA ASP F 41 26.93 16.38 -5.65
C ASP F 41 26.14 15.74 -6.80
N GLY F 42 24.96 15.20 -6.47
CA GLY F 42 24.05 14.56 -7.40
C GLY F 42 24.50 13.17 -7.83
N GLU F 43 25.41 12.53 -7.05
CA GLU F 43 25.91 11.19 -7.35
C GLU F 43 24.97 10.13 -6.72
N PRO F 44 24.60 9.07 -7.48
CA PRO F 44 23.64 8.07 -6.92
C PRO F 44 24.24 7.08 -5.91
N GLN F 45 23.59 6.95 -4.74
CA GLN F 45 23.99 6.06 -3.65
C GLN F 45 23.00 4.89 -3.45
N PRO F 46 23.44 3.61 -3.62
CA PRO F 46 22.51 2.48 -3.37
C PRO F 46 22.23 2.32 -1.86
N TYR F 47 20.98 2.03 -1.51
CA TYR F 47 20.56 1.86 -0.11
C TYR F 47 20.06 0.44 0.12
N PRO F 48 19.89 -0.07 1.40
CA PRO F 48 19.36 -1.44 1.59
C PRO F 48 18.10 -1.74 0.79
N THR F 49 18.04 -2.92 0.16
CA THR F 49 16.91 -3.31 -0.68
C THR F 49 15.65 -3.67 0.14
N LEU F 50 14.47 -3.61 -0.51
CA LEU F 50 13.20 -3.93 0.12
C LEU F 50 12.57 -5.11 -0.62
N PRO F 51 12.33 -6.26 0.06
CA PRO F 51 11.66 -7.38 -0.61
C PRO F 51 10.23 -6.98 -1.03
N PRO F 52 9.59 -7.63 -2.03
CA PRO F 52 8.21 -7.21 -2.39
C PRO F 52 7.22 -7.24 -1.20
N GLY F 53 6.40 -6.19 -1.12
CA GLY F 53 5.36 -6.02 -0.12
C GLY F 53 5.83 -5.70 1.27
N THR F 54 7.02 -5.09 1.41
CA THR F 54 7.54 -4.73 2.74
C THR F 54 7.64 -3.22 2.85
N GLY F 55 7.46 -2.75 4.07
CA GLY F 55 7.57 -1.34 4.41
C GLY F 55 8.52 -1.10 5.57
N ARG F 56 9.26 0.02 5.53
CA ARG F 56 10.20 0.42 6.56
C ARG F 56 10.12 1.91 6.82
N ARG F 57 10.11 2.31 8.12
CA ARG F 57 10.17 3.72 8.55
C ARG F 57 11.67 4.11 8.60
N ILE F 58 12.02 5.08 7.77
CA ILE F 58 13.35 5.58 7.43
C ILE F 58 13.57 7.00 7.91
N HIS F 59 14.83 7.37 8.17
CA HIS F 59 15.14 8.76 8.51
C HIS F 59 15.90 9.38 7.33
N SER F 60 15.42 10.55 6.90
CA SER F 60 15.98 11.31 5.81
C SER F 60 15.91 12.79 6.22
N TYR F 61 16.16 13.71 5.27
CA TYR F 61 16.21 15.15 5.55
C TYR F 61 15.44 15.92 4.46
N ARG F 62 14.93 17.11 4.81
CA ARG F 62 14.19 18.01 3.91
C ARG F 62 15.09 18.34 2.70
N GLY F 63 14.52 18.26 1.50
CA GLY F 63 15.25 18.58 0.27
C GLY F 63 16.20 17.49 -0.22
N HIS F 64 16.06 16.26 0.30
CA HIS F 64 16.89 15.13 -0.12
C HIS F 64 16.18 14.40 -1.24
N LEU F 65 16.90 13.98 -2.29
CA LEU F 65 16.33 13.40 -3.51
C LEU F 65 16.53 11.87 -3.64
N TRP F 66 15.42 11.17 -3.90
CA TRP F 66 15.36 9.72 -4.05
C TRP F 66 14.76 9.24 -5.39
N LEU F 67 15.30 8.10 -5.85
CA LEU F 67 14.91 7.31 -7.03
C LEU F 67 14.76 5.87 -6.52
N PHE F 68 14.01 5.04 -7.25
CA PHE F 68 13.74 3.65 -6.93
C PHE F 68 13.81 2.81 -8.21
N ARG F 69 14.60 1.73 -8.16
CA ARG F 69 14.87 0.80 -9.26
C ARG F 69 14.63 -0.65 -8.83
N ASP F 70 14.59 -1.58 -9.81
CA ASP F 70 14.56 -3.02 -9.57
C ASP F 70 16.03 -3.30 -9.20
N ALA F 71 16.28 -3.89 -8.01
CA ALA F 71 17.64 -4.14 -7.52
C ALA F 71 18.51 -5.02 -8.45
N GLY F 72 17.88 -5.94 -9.19
CA GLY F 72 18.59 -6.86 -10.07
C GLY F 72 18.79 -6.43 -11.51
N THR F 73 17.83 -5.66 -12.07
CA THR F 73 17.88 -5.25 -13.49
C THR F 73 18.05 -3.74 -13.68
N HIS F 74 17.75 -2.94 -12.63
CA HIS F 74 17.77 -1.49 -12.59
C HIS F 74 16.70 -0.85 -13.44
N ASP F 75 15.59 -1.59 -13.71
CA ASP F 75 14.38 -1.12 -14.39
C ASP F 75 13.81 -0.04 -13.45
N GLY F 76 13.39 1.08 -14.01
CA GLY F 76 12.87 2.21 -13.25
C GLY F 76 11.51 1.94 -12.65
N LEU F 77 11.31 2.43 -11.41
CA LEU F 77 10.06 2.25 -10.70
C LEU F 77 9.42 3.60 -10.34
N LEU F 78 8.14 3.58 -9.95
CA LEU F 78 7.45 4.82 -9.56
C LEU F 78 7.38 4.97 -8.05
N VAL F 79 7.19 6.18 -7.59
CA VAL F 79 7.03 6.51 -6.17
C VAL F 79 5.99 7.61 -6.16
N ASN F 80 4.80 7.33 -5.59
CA ASN F 80 3.65 8.26 -5.54
C ASN F 80 3.28 8.74 -6.94
N GLN F 81 3.37 7.80 -7.93
CA GLN F 81 3.06 7.95 -9.36
C GLN F 81 4.06 8.81 -10.16
N THR F 82 5.22 9.13 -9.59
CA THR F 82 6.27 9.92 -10.27
C THR F 82 7.63 9.22 -10.19
N GLU F 83 8.66 9.81 -10.80
CA GLU F 83 10.00 9.28 -10.86
C GLU F 83 10.87 9.69 -9.66
N LEU F 84 10.77 10.95 -9.22
CA LEU F 84 11.60 11.45 -8.12
C LEU F 84 10.81 11.67 -6.84
N PHE F 85 11.42 11.35 -5.69
CA PHE F 85 10.82 11.59 -4.38
C PHE F 85 11.70 12.50 -3.54
N VAL F 86 11.10 13.62 -3.08
CA VAL F 86 11.75 14.62 -2.22
C VAL F 86 10.89 14.82 -0.96
N PRO F 87 11.34 14.42 0.25
CA PRO F 87 10.54 14.74 1.44
C PRO F 87 10.66 16.23 1.80
N SER F 88 9.54 16.82 2.18
CA SER F 88 9.46 18.18 2.70
C SER F 88 9.51 18.00 4.25
N LEU F 89 9.31 19.07 5.05
CA LEU F 89 9.31 18.90 6.50
C LEU F 89 7.99 18.25 6.96
N ASN F 90 8.08 17.40 8.00
CA ASN F 90 6.91 16.76 8.59
C ASN F 90 6.06 17.86 9.26
N VAL F 91 4.73 17.79 9.10
CA VAL F 91 3.82 18.74 9.73
C VAL F 91 3.36 18.07 11.02
N ASP F 92 3.76 18.64 12.19
CA ASP F 92 3.43 18.17 13.54
C ASP F 92 3.72 16.66 13.76
N GLY F 93 4.98 16.28 13.58
CA GLY F 93 5.45 14.91 13.77
C GLY F 93 5.30 13.94 12.59
N GLN F 94 4.11 13.94 11.94
CA GLN F 94 3.64 13.10 10.84
C GLN F 94 4.70 12.61 9.80
N PRO F 95 5.05 11.29 9.76
CA PRO F 95 5.96 10.84 8.69
C PRO F 95 5.37 10.99 7.27
N ILE F 96 6.24 11.20 6.28
CA ILE F 96 5.88 11.35 4.85
C ILE F 96 5.83 9.94 4.18
N PHE F 97 4.76 9.64 3.44
CA PHE F 97 4.66 8.34 2.80
C PHE F 97 5.22 8.31 1.36
N ALA F 98 6.01 7.25 1.04
CA ALA F 98 6.61 6.99 -0.28
C ALA F 98 6.17 5.61 -0.76
N ASN F 99 5.12 5.58 -1.57
CA ASN F 99 4.52 4.36 -2.10
C ASN F 99 5.17 4.00 -3.43
N ILE F 100 6.00 2.94 -3.42
CA ILE F 100 6.76 2.47 -4.58
C ILE F 100 5.98 1.43 -5.33
N THR F 101 5.82 1.62 -6.65
CA THR F 101 5.05 0.68 -7.50
C THR F 101 5.73 0.45 -8.86
N LEU F 102 5.19 -0.51 -9.63
CA LEU F 102 5.61 -0.74 -11.00
C LEU F 102 5.01 0.35 -11.86
N PRO F 103 5.74 0.97 -12.83
CA PRO F 103 5.06 1.87 -13.77
C PRO F 103 4.26 1.01 -14.77
N VAL F 104 3.50 1.63 -15.68
CA VAL F 104 2.90 0.83 -16.75
C VAL F 104 3.94 0.93 -17.87
N TYR F 105 4.74 -0.13 -18.04
CA TYR F 105 5.78 -0.21 -19.08
C TYR F 105 5.09 -0.34 -20.42
N THR F 106 5.74 0.10 -21.50
CA THR F 106 5.21 -0.11 -22.86
C THR F 106 5.33 -1.62 -23.10
N LEU F 107 4.54 -2.17 -24.02
CA LEU F 107 4.66 -3.58 -24.40
C LEU F 107 6.08 -3.92 -24.87
N LYS F 108 6.70 -3.02 -25.66
CA LYS F 108 8.09 -3.14 -26.13
C LYS F 108 9.08 -3.26 -24.98
N GLU F 109 9.01 -2.33 -24.00
CA GLU F 109 9.90 -2.32 -22.84
C GLU F 109 9.80 -3.55 -21.97
N ARG F 110 8.57 -4.03 -21.75
CA ARG F 110 8.28 -5.23 -20.96
C ARG F 110 8.84 -6.46 -21.69
N CYS F 111 8.65 -6.54 -23.04
CA CYS F 111 9.16 -7.62 -23.89
C CYS F 111 10.69 -7.61 -23.84
N LEU F 112 11.32 -6.40 -23.91
CA LEU F 112 12.78 -6.25 -23.78
C LEU F 112 13.26 -6.78 -22.43
N GLN F 113 12.59 -6.39 -21.30
CA GLN F 113 12.90 -6.89 -19.94
C GLN F 113 12.94 -8.44 -19.89
N VAL F 114 11.87 -9.11 -20.39
CA VAL F 114 11.70 -10.57 -20.44
C VAL F 114 12.81 -11.26 -21.30
N VAL F 115 13.04 -10.79 -22.55
CA VAL F 115 14.08 -11.33 -23.45
C VAL F 115 15.49 -11.12 -22.82
N ARG F 116 15.72 -9.97 -22.15
CA ARG F 116 16.98 -9.73 -21.43
C ARG F 116 17.13 -10.64 -20.19
N SER F 117 16.02 -11.12 -19.62
CA SER F 117 16.11 -12.01 -18.46
C SER F 117 16.41 -13.47 -18.84
N LEU F 118 16.17 -13.85 -20.12
CA LEU F 118 16.31 -15.18 -20.67
C LEU F 118 17.54 -15.37 -21.54
N VAL F 119 18.03 -14.29 -22.18
CA VAL F 119 19.17 -14.36 -23.10
C VAL F 119 20.38 -13.56 -22.58
N LYS F 120 21.58 -14.15 -22.70
CA LYS F 120 22.84 -13.52 -22.28
C LYS F 120 23.20 -12.41 -23.29
N PRO F 121 23.78 -11.25 -22.84
CA PRO F 121 24.09 -10.15 -23.78
C PRO F 121 24.87 -10.52 -25.05
N GLU F 122 25.69 -11.57 -25.00
CA GLU F 122 26.49 -12.07 -26.13
C GLU F 122 25.64 -12.72 -27.21
N ASN F 123 24.49 -13.29 -26.82
CA ASN F 123 23.61 -14.00 -27.74
C ASN F 123 22.44 -13.18 -28.28
N TYR F 124 22.37 -11.88 -27.96
CA TYR F 124 21.30 -10.97 -28.43
C TYR F 124 21.24 -10.95 -29.97
N ARG F 125 22.41 -10.87 -30.61
CA ARG F 125 22.58 -10.79 -32.06
C ARG F 125 22.46 -12.18 -32.76
N ARG F 126 22.10 -13.24 -31.99
CA ARG F 126 21.86 -14.60 -32.47
C ARG F 126 20.35 -14.86 -32.58
N LEU F 127 19.53 -13.89 -32.14
CA LEU F 127 18.07 -13.97 -32.19
C LEU F 127 17.56 -13.66 -33.61
N ASP F 128 16.52 -14.37 -34.08
CA ASP F 128 15.93 -14.18 -35.41
C ASP F 128 14.82 -13.14 -35.33
N ILE F 129 15.27 -11.88 -35.25
CA ILE F 129 14.42 -10.69 -35.10
C ILE F 129 14.96 -9.53 -35.95
N VAL F 130 14.12 -8.48 -36.15
CA VAL F 130 14.45 -7.24 -36.86
C VAL F 130 15.75 -6.72 -36.22
N ARG F 131 16.77 -6.42 -37.06
CA ARG F 131 18.10 -6.03 -36.59
C ARG F 131 18.14 -4.80 -35.67
N SER F 132 17.20 -3.84 -35.82
CA SER F 132 17.11 -2.63 -34.99
C SER F 132 16.90 -2.96 -33.50
N LEU F 133 16.24 -4.11 -33.22
CA LEU F 133 15.95 -4.64 -31.89
C LEU F 133 17.20 -5.07 -31.09
N TYR F 134 18.35 -5.25 -31.75
CA TYR F 134 19.59 -5.65 -31.06
C TYR F 134 20.10 -4.51 -30.19
N GLU F 135 20.08 -3.27 -30.73
CA GLU F 135 20.48 -2.05 -30.03
C GLU F 135 19.52 -1.72 -28.89
N ASP F 136 18.22 -2.06 -29.05
CA ASP F 136 17.15 -1.91 -28.05
C ASP F 136 17.42 -2.81 -26.86
N LEU F 137 17.77 -4.09 -27.13
CA LEU F 137 18.13 -5.11 -26.16
C LEU F 137 19.42 -4.71 -25.43
N GLU F 138 20.39 -4.10 -26.17
CA GLU F 138 21.67 -3.66 -25.58
C GLU F 138 21.56 -2.41 -24.73
N ASP F 139 20.53 -1.56 -24.98
CA ASP F 139 20.28 -0.32 -24.25
C ASP F 139 19.58 -0.64 -22.91
N HIS F 140 20.35 -1.21 -21.95
CA HIS F 140 19.87 -1.63 -20.62
C HIS F 140 19.45 -0.45 -19.75
N PRO F 141 18.46 -0.65 -18.83
CA PRO F 141 18.08 0.44 -17.90
C PRO F 141 19.30 0.93 -17.10
N ASN F 142 19.52 2.24 -17.11
CA ASN F 142 20.65 2.86 -16.47
C ASN F 142 20.17 4.08 -15.70
N VAL F 143 20.60 4.23 -14.44
CA VAL F 143 20.20 5.36 -13.58
C VAL F 143 20.75 6.68 -14.14
N GLN F 144 22.02 6.68 -14.59
CA GLN F 144 22.68 7.86 -15.13
C GLN F 144 21.98 8.41 -16.39
N LYS F 145 21.56 7.53 -17.30
CA LYS F 145 20.86 7.90 -18.53
C LYS F 145 19.53 8.61 -18.21
N ASP F 146 18.79 8.07 -17.24
CA ASP F 146 17.53 8.60 -16.75
C ASP F 146 17.69 9.96 -16.07
N LEU F 147 18.81 10.15 -15.35
CA LEU F 147 19.14 11.40 -14.67
C LEU F 147 19.42 12.50 -15.70
N GLU F 148 20.04 12.12 -16.85
CA GLU F 148 20.32 13.04 -17.96
C GLU F 148 19.00 13.41 -18.61
N ARG F 149 18.14 12.41 -18.85
CA ARG F 149 16.80 12.58 -19.42
C ARG F 149 15.93 13.49 -18.53
N LEU F 150 15.94 13.28 -17.20
CA LEU F 150 15.19 14.10 -16.25
C LEU F 150 15.75 15.53 -16.15
N THR F 151 17.10 15.70 -16.18
CA THR F 151 17.80 17.00 -16.16
C THR F 151 17.46 17.80 -17.42
N GLN F 152 17.50 17.13 -18.60
CA GLN F 152 17.17 17.73 -19.91
C GLN F 152 15.73 18.24 -19.91
N GLU F 153 14.81 17.49 -19.28
CA GLU F 153 13.40 17.84 -19.14
C GLU F 153 13.22 19.05 -18.21
N ARG F 154 14.01 19.10 -17.11
CA ARG F 154 13.99 20.19 -16.11
C ARG F 154 14.43 21.51 -16.76
N ILE F 155 15.55 21.51 -17.51
CA ILE F 155 16.10 22.68 -18.22
C ILE F 155 15.12 23.15 -19.31
N ALA F 156 14.43 22.20 -19.98
CA ALA F 156 13.43 22.45 -21.03
C ALA F 156 12.23 23.25 -20.51
N HIS F 157 11.79 22.97 -19.26
CA HIS F 157 10.67 23.64 -18.61
C HIS F 157 11.07 24.95 -17.91
N GLN F 158 12.10 24.90 -17.03
CA GLN F 158 12.58 26.07 -16.27
C GLN F 158 13.22 27.16 -17.15
N MET G 1 -20.53 2.30 -27.11
CA MET G 1 -19.09 2.48 -27.25
C MET G 1 -18.66 2.00 -28.63
N MET G 2 -17.61 2.60 -29.18
CA MET G 2 -17.07 2.17 -30.47
C MET G 2 -16.13 0.99 -30.29
N TYR G 3 -16.32 -0.03 -31.13
CA TYR G 3 -15.51 -1.24 -31.16
C TYR G 3 -14.80 -1.35 -32.50
N VAL G 4 -13.63 -1.99 -32.50
CA VAL G 4 -12.85 -2.23 -33.70
C VAL G 4 -12.52 -3.73 -33.79
N LYS G 5 -12.28 -4.21 -35.01
CA LYS G 5 -11.95 -5.58 -35.30
C LYS G 5 -10.51 -5.64 -35.79
N LEU G 6 -9.73 -6.53 -35.15
CA LEU G 6 -8.33 -6.77 -35.49
C LEU G 6 -8.21 -8.24 -35.93
N ILE G 7 -7.87 -8.45 -37.22
CA ILE G 7 -7.77 -9.81 -37.79
C ILE G 7 -6.30 -10.28 -37.83
N SER G 8 -6.03 -11.46 -37.29
CA SER G 8 -4.71 -12.08 -37.28
C SER G 8 -4.40 -12.73 -38.64
N SER G 9 -3.13 -13.14 -38.84
CA SER G 9 -2.66 -13.78 -40.08
C SER G 9 -3.41 -15.07 -40.39
N ASP G 10 -3.82 -15.80 -39.34
CA ASP G 10 -4.54 -17.07 -39.43
C ASP G 10 -6.10 -16.92 -39.39
N GLY G 11 -6.59 -15.69 -39.57
CA GLY G 11 -8.02 -15.40 -39.66
C GLY G 11 -8.83 -15.28 -38.41
N HIS G 12 -8.19 -15.12 -37.23
CA HIS G 12 -8.93 -14.94 -35.97
C HIS G 12 -9.33 -13.48 -35.88
N GLU G 13 -10.56 -13.21 -35.44
CA GLU G 13 -11.11 -11.86 -35.30
C GLU G 13 -11.18 -11.46 -33.83
N PHE G 14 -10.50 -10.35 -33.48
CA PHE G 14 -10.47 -9.79 -32.13
C PHE G 14 -11.24 -8.46 -32.09
N ILE G 15 -12.29 -8.43 -31.28
CA ILE G 15 -13.13 -7.25 -31.14
C ILE G 15 -12.83 -6.58 -29.81
N VAL G 16 -12.21 -5.39 -29.92
CA VAL G 16 -11.77 -4.56 -28.79
C VAL G 16 -12.39 -3.13 -28.87
N LYS G 17 -12.51 -2.44 -27.73
CA LYS G 17 -12.98 -1.06 -27.70
C LYS G 17 -11.97 -0.23 -28.50
N ARG G 18 -12.47 0.72 -29.33
CA ARG G 18 -11.67 1.59 -30.18
C ARG G 18 -10.55 2.31 -29.41
N GLU G 19 -10.90 2.94 -28.27
CA GLU G 19 -10.01 3.65 -27.33
C GLU G 19 -8.86 2.73 -26.81
N HIS G 20 -9.14 1.43 -26.58
CA HIS G 20 -8.13 0.46 -26.16
C HIS G 20 -7.17 0.13 -27.32
N ALA G 21 -7.68 0.01 -28.56
CA ALA G 21 -6.86 -0.25 -29.74
C ALA G 21 -5.93 0.95 -30.09
N LEU G 22 -6.34 2.18 -29.70
CA LEU G 22 -5.61 3.42 -29.93
C LEU G 22 -4.33 3.53 -29.08
N THR G 23 -4.08 2.52 -28.21
CA THR G 23 -2.86 2.34 -27.41
C THR G 23 -1.69 2.16 -28.41
N SER G 24 -1.95 1.43 -29.52
CA SER G 24 -0.97 1.21 -30.56
C SER G 24 -0.94 2.41 -31.50
N GLY G 25 0.25 2.99 -31.66
CA GLY G 25 0.49 4.14 -32.53
C GLY G 25 0.21 3.80 -33.99
N THR G 26 0.64 2.58 -34.42
CA THR G 26 0.41 2.03 -35.77
C THR G 26 -1.09 1.89 -36.04
N ILE G 27 -1.87 1.28 -35.11
CA ILE G 27 -3.33 1.10 -35.24
C ILE G 27 -4.01 2.48 -35.34
N LYS G 28 -3.66 3.43 -34.45
CA LYS G 28 -4.17 4.80 -34.42
C LYS G 28 -3.97 5.49 -35.77
N ALA G 29 -2.82 5.27 -36.44
CA ALA G 29 -2.56 5.85 -37.75
C ALA G 29 -3.42 5.17 -38.84
N MET G 30 -3.58 3.82 -38.76
CA MET G 30 -4.39 3.02 -39.69
C MET G 30 -5.90 3.31 -39.57
N LEU G 31 -6.39 3.58 -38.35
CA LEU G 31 -7.80 3.87 -38.09
C LEU G 31 -8.14 5.31 -38.41
N SER G 32 -7.15 6.22 -38.28
CA SER G 32 -7.29 7.65 -38.61
C SER G 32 -6.98 7.78 -40.11
N GLY G 33 -7.97 7.39 -40.91
CA GLY G 33 -7.88 7.37 -42.36
C GLY G 33 -9.22 7.12 -43.00
N PRO G 34 -9.45 7.59 -44.24
CA PRO G 34 -10.76 7.39 -44.89
C PRO G 34 -11.22 5.94 -44.98
N GLY G 35 -12.53 5.74 -44.79
CA GLY G 35 -13.15 4.43 -44.88
C GLY G 35 -13.84 4.23 -46.21
N GLN G 36 -14.77 3.25 -46.26
CA GLN G 36 -15.55 2.90 -47.45
C GLN G 36 -16.66 3.94 -47.67
N PHE G 37 -16.85 4.33 -48.94
CA PHE G 37 -17.85 5.31 -49.42
C PHE G 37 -17.67 6.71 -48.76
N ALA G 38 -18.56 7.13 -47.84
CA ALA G 38 -18.53 8.46 -47.23
C ALA G 38 -17.85 8.56 -45.86
N GLU G 39 -17.55 7.41 -45.21
CA GLU G 39 -16.92 7.35 -43.89
C GLU G 39 -15.47 7.86 -43.89
N ASN G 40 -15.16 8.74 -42.92
CA ASN G 40 -13.84 9.38 -42.75
C ASN G 40 -13.04 8.68 -41.65
N GLU G 41 -13.45 7.44 -41.32
CA GLU G 41 -12.88 6.63 -40.26
C GLU G 41 -12.94 5.12 -40.59
N THR G 42 -11.91 4.37 -40.19
CA THR G 42 -11.81 2.91 -40.38
C THR G 42 -12.09 2.23 -39.01
N ASN G 43 -12.58 0.98 -39.01
CA ASN G 43 -12.77 0.23 -37.76
C ASN G 43 -12.40 -1.29 -37.89
N GLU G 44 -11.55 -1.61 -38.91
CA GLU G 44 -11.06 -2.96 -39.20
C GLU G 44 -9.59 -2.91 -39.64
N VAL G 45 -8.71 -3.69 -38.98
CA VAL G 45 -7.30 -3.77 -39.34
C VAL G 45 -6.88 -5.24 -39.46
N ASN G 46 -6.39 -5.62 -40.67
CA ASN G 46 -5.88 -6.96 -40.97
C ASN G 46 -4.36 -6.97 -40.80
N PHE G 47 -3.85 -7.95 -40.01
CA PHE G 47 -2.40 -8.10 -39.77
C PHE G 47 -1.93 -9.42 -40.40
N ARG G 48 -1.55 -9.36 -41.69
CA ARG G 48 -1.08 -10.51 -42.49
C ARG G 48 0.16 -11.24 -41.94
N GLU G 49 0.86 -10.67 -40.92
CA GLU G 49 2.08 -11.22 -40.33
C GLU G 49 2.05 -11.39 -38.78
N ILE G 50 0.91 -11.14 -38.13
CA ILE G 50 0.77 -11.32 -36.69
C ILE G 50 -0.20 -12.50 -36.39
N PRO G 51 0.32 -13.65 -35.88
CA PRO G 51 -0.57 -14.80 -35.60
C PRO G 51 -1.44 -14.58 -34.38
N SER G 52 -2.56 -15.35 -34.29
CA SER G 52 -3.58 -15.25 -33.23
C SER G 52 -3.03 -15.40 -31.81
N HIS G 53 -2.04 -16.27 -31.57
CA HIS G 53 -1.45 -16.41 -30.23
C HIS G 53 -0.68 -15.14 -29.78
N VAL G 54 -0.23 -14.30 -30.75
CA VAL G 54 0.46 -13.03 -30.48
C VAL G 54 -0.59 -11.89 -30.38
N LEU G 55 -1.52 -11.82 -31.35
CA LEU G 55 -2.58 -10.79 -31.38
C LEU G 55 -3.44 -10.79 -30.13
N SER G 56 -3.85 -11.99 -29.64
CA SER G 56 -4.64 -12.08 -28.39
C SER G 56 -3.84 -11.50 -27.19
N LYS G 57 -2.53 -11.83 -27.10
CA LYS G 57 -1.64 -11.28 -26.08
C LYS G 57 -1.52 -9.75 -26.19
N VAL G 58 -1.49 -9.20 -27.44
CA VAL G 58 -1.46 -7.75 -27.68
C VAL G 58 -2.74 -7.07 -27.13
N CYS G 59 -3.95 -7.66 -27.43
CA CYS G 59 -5.25 -7.20 -26.94
C CYS G 59 -5.31 -7.24 -25.41
N MET G 60 -4.72 -8.25 -24.77
CA MET G 60 -4.63 -8.31 -23.30
C MET G 60 -3.77 -7.13 -22.77
N TYR G 61 -2.68 -6.73 -23.48
CA TYR G 61 -1.85 -5.57 -23.07
C TYR G 61 -2.68 -4.28 -23.12
N PHE G 62 -3.52 -4.14 -24.16
CA PHE G 62 -4.39 -2.99 -24.35
C PHE G 62 -5.32 -2.77 -23.15
N THR G 63 -5.89 -3.88 -22.61
CA THR G 63 -6.79 -3.86 -21.45
C THR G 63 -6.00 -3.47 -20.20
N TYR G 64 -4.85 -4.13 -20.00
CA TYR G 64 -3.92 -3.89 -18.92
C TYR G 64 -3.52 -2.41 -18.83
N LYS G 65 -3.09 -1.83 -19.97
CA LYS G 65 -2.62 -0.45 -20.09
C LYS G 65 -3.71 0.57 -19.72
N VAL G 66 -4.91 0.43 -20.30
CA VAL G 66 -6.04 1.32 -20.06
C VAL G 66 -6.50 1.27 -18.59
N ARG G 67 -6.56 0.06 -18.00
CA ARG G 67 -6.97 -0.13 -16.63
C ARG G 67 -5.95 0.40 -15.61
N TYR G 68 -4.65 0.15 -15.84
CA TYR G 68 -3.65 0.52 -14.86
C TYR G 68 -2.97 1.88 -15.08
N THR G 69 -2.95 2.43 -16.30
CA THR G 69 -2.36 3.76 -16.53
C THR G 69 -3.14 4.78 -15.68
N ASN G 70 -2.41 5.56 -14.87
CA ASN G 70 -2.95 6.57 -13.93
C ASN G 70 -3.85 5.95 -12.83
N SER G 71 -3.53 4.72 -12.36
CA SER G 71 -4.26 4.08 -11.25
C SER G 71 -3.52 4.41 -9.92
N SER G 72 -4.18 4.27 -8.76
CA SER G 72 -3.54 4.77 -7.53
C SER G 72 -2.80 3.75 -6.62
N THR G 73 -3.51 2.77 -6.02
CA THR G 73 -2.99 1.84 -5.00
C THR G 73 -1.83 0.88 -5.46
N GLU G 74 -2.05 0.03 -6.49
CA GLU G 74 -1.07 -0.97 -6.91
C GLU G 74 -1.30 -1.54 -8.31
N ILE G 75 -0.21 -1.72 -9.03
CA ILE G 75 -0.17 -2.27 -10.37
C ILE G 75 0.52 -3.66 -10.39
N PRO G 76 -0.11 -4.67 -11.05
CA PRO G 76 0.53 -5.98 -11.15
C PRO G 76 1.49 -6.06 -12.36
N GLU G 77 2.26 -7.15 -12.45
CA GLU G 77 3.16 -7.41 -13.57
C GLU G 77 2.39 -7.87 -14.81
N PHE G 78 2.84 -7.44 -16.00
CA PHE G 78 2.28 -7.93 -17.27
C PHE G 78 3.10 -9.23 -17.59
N PRO G 79 2.49 -10.42 -17.45
CA PRO G 79 3.28 -11.65 -17.64
C PRO G 79 3.44 -12.07 -19.10
N ILE G 80 4.67 -12.53 -19.45
CA ILE G 80 5.01 -12.99 -20.80
C ILE G 80 5.72 -14.34 -20.69
N ALA G 81 5.16 -15.37 -21.33
CA ALA G 81 5.77 -16.69 -21.34
C ALA G 81 7.02 -16.65 -22.22
N PRO G 82 8.08 -17.40 -21.87
CA PRO G 82 9.28 -17.43 -22.72
C PRO G 82 9.05 -17.83 -24.19
N GLU G 83 8.09 -18.74 -24.44
CA GLU G 83 7.78 -19.24 -25.79
C GLU G 83 7.17 -18.19 -26.74
N ILE G 84 6.54 -17.13 -26.20
CA ILE G 84 5.93 -16.08 -27.03
C ILE G 84 6.72 -14.76 -27.04
N ALA G 85 7.72 -14.62 -26.12
CA ALA G 85 8.57 -13.43 -25.91
C ALA G 85 9.11 -12.75 -27.19
N LEU G 86 9.68 -13.52 -28.13
CA LEU G 86 10.28 -12.97 -29.34
C LEU G 86 9.27 -12.44 -30.35
N GLU G 87 8.19 -13.20 -30.61
CA GLU G 87 7.13 -12.81 -31.53
C GLU G 87 6.34 -11.63 -30.95
N LEU G 88 6.15 -11.62 -29.63
CA LEU G 88 5.48 -10.53 -28.93
C LEU G 88 6.33 -9.24 -29.00
N LEU G 89 7.67 -9.36 -28.90
CA LEU G 89 8.61 -8.23 -29.03
C LEU G 89 8.51 -7.58 -30.42
N MET G 90 8.59 -8.42 -31.49
CA MET G 90 8.45 -7.97 -32.88
C MET G 90 7.13 -7.23 -33.15
N ALA G 91 5.97 -7.78 -32.67
CA ALA G 91 4.64 -7.17 -32.81
C ALA G 91 4.57 -5.84 -32.09
N ALA G 92 5.09 -5.72 -30.84
CA ALA G 92 5.14 -4.50 -30.03
C ALA G 92 5.98 -3.44 -30.72
N ASN G 93 7.06 -3.87 -31.36
CA ASN G 93 7.95 -3.00 -32.11
C ASN G 93 7.20 -2.46 -33.36
N PHE G 94 6.55 -3.36 -34.14
CA PHE G 94 5.76 -2.98 -35.31
C PHE G 94 4.54 -2.14 -34.97
N LEU G 95 3.89 -2.43 -33.84
CA LEU G 95 2.67 -1.76 -33.43
C LEU G 95 2.89 -0.45 -32.69
N ASP G 96 4.11 -0.19 -32.22
CA ASP G 96 4.47 1.02 -31.48
C ASP G 96 3.52 1.20 -30.25
N CYS G 97 3.60 0.20 -29.35
CA CYS G 97 2.84 0.12 -28.10
C CYS G 97 3.68 -0.47 -26.94
N MET H 1 -14.02 -7.04 -7.62
CA MET H 1 -15.18 -6.37 -8.19
C MET H 1 -15.13 -6.41 -9.71
N ASP H 2 -14.17 -5.72 -10.36
CA ASP H 2 -14.05 -5.77 -11.82
C ASP H 2 -13.51 -7.13 -12.32
N VAL H 3 -14.11 -7.65 -13.41
CA VAL H 3 -13.70 -8.89 -14.09
C VAL H 3 -13.49 -8.63 -15.61
N PHE H 4 -12.49 -9.30 -16.20
CA PHE H 4 -12.04 -9.10 -17.57
C PHE H 4 -12.10 -10.41 -18.31
N LEU H 5 -12.81 -10.39 -19.45
CA LEU H 5 -13.16 -11.59 -20.18
C LEU H 5 -12.84 -11.59 -21.65
N MET H 6 -12.81 -12.83 -22.22
CA MET H 6 -12.72 -13.14 -23.65
C MET H 6 -13.98 -13.99 -23.95
N ILE H 7 -14.95 -13.43 -24.70
CA ILE H 7 -16.15 -14.14 -25.14
C ILE H 7 -15.80 -14.68 -26.51
N ARG H 8 -15.63 -15.98 -26.59
CA ARG H 8 -15.16 -16.63 -27.79
C ARG H 8 -16.20 -17.55 -28.44
N ARG H 9 -16.25 -17.52 -29.77
CA ARG H 9 -17.10 -18.36 -30.61
C ARG H 9 -16.40 -18.52 -31.94
N HIS H 10 -16.09 -19.78 -32.35
CA HIS H 10 -15.39 -20.12 -33.60
C HIS H 10 -14.06 -19.33 -33.67
N LYS H 11 -13.91 -18.40 -34.66
CA LYS H 11 -12.71 -17.55 -34.79
C LYS H 11 -12.99 -16.12 -34.34
N THR H 12 -14.04 -15.90 -33.52
CA THR H 12 -14.35 -14.56 -32.97
C THR H 12 -14.04 -14.48 -31.47
N THR H 13 -13.32 -13.42 -31.04
CA THR H 13 -13.00 -13.17 -29.63
C THR H 13 -13.38 -11.76 -29.27
N ILE H 14 -14.26 -11.58 -28.29
CA ILE H 14 -14.63 -10.23 -27.81
C ILE H 14 -13.91 -9.99 -26.50
N PHE H 15 -13.12 -8.92 -26.42
CA PHE H 15 -12.48 -8.53 -25.18
C PHE H 15 -13.40 -7.52 -24.48
N THR H 16 -13.93 -7.90 -23.29
CA THR H 16 -14.82 -7.02 -22.54
C THR H 16 -14.63 -7.15 -21.04
N ASP H 17 -15.19 -6.19 -20.29
CA ASP H 17 -15.13 -6.16 -18.84
C ASP H 17 -16.52 -5.98 -18.24
N ALA H 18 -16.71 -6.47 -16.98
CA ALA H 18 -17.93 -6.37 -16.18
C ALA H 18 -17.57 -6.41 -14.66
N LYS H 19 -18.52 -6.81 -13.81
CA LYS H 19 -18.30 -6.91 -12.37
C LYS H 19 -18.61 -8.31 -11.88
N GLU H 20 -18.01 -8.72 -10.74
CA GLU H 20 -18.28 -10.02 -10.11
C GLU H 20 -19.79 -10.09 -9.82
N SER H 21 -20.38 -8.94 -9.43
CA SER H 21 -21.79 -8.75 -9.10
C SER H 21 -22.72 -8.75 -10.33
N SER H 22 -22.23 -8.36 -11.54
CA SER H 22 -23.11 -8.39 -12.71
C SER H 22 -23.54 -9.81 -13.07
N THR H 23 -24.71 -9.93 -13.72
CA THR H 23 -25.27 -11.23 -14.07
C THR H 23 -24.85 -11.70 -15.46
N VAL H 24 -25.15 -12.98 -15.75
CA VAL H 24 -24.89 -13.62 -17.04
C VAL H 24 -25.73 -12.91 -18.12
N PHE H 25 -26.93 -12.46 -17.74
CA PHE H 25 -27.84 -11.72 -18.62
C PHE H 25 -27.27 -10.35 -19.05
N GLU H 26 -26.65 -9.62 -18.12
CA GLU H 26 -26.03 -8.31 -18.37
C GLU H 26 -24.86 -8.45 -19.36
N LEU H 27 -24.13 -9.58 -19.29
CA LEU H 27 -23.06 -9.96 -20.21
C LEU H 27 -23.63 -10.25 -21.62
N LYS H 28 -24.77 -10.98 -21.69
CA LYS H 28 -25.50 -11.27 -22.93
C LYS H 28 -25.99 -9.95 -23.59
N ARG H 29 -26.31 -8.92 -22.77
CA ARG H 29 -26.68 -7.60 -23.22
C ARG H 29 -25.48 -6.86 -23.87
N ILE H 30 -24.25 -7.02 -23.30
CA ILE H 30 -23.01 -6.47 -23.89
C ILE H 30 -22.78 -7.13 -25.28
N VAL H 31 -22.97 -8.46 -25.39
CA VAL H 31 -22.78 -9.21 -26.64
C VAL H 31 -23.80 -8.73 -27.70
N GLU H 32 -25.05 -8.51 -27.28
CA GLU H 32 -26.14 -8.00 -28.13
C GLU H 32 -25.78 -6.67 -28.80
N GLY H 33 -25.14 -5.78 -28.06
CA GLY H 33 -24.70 -4.50 -28.60
C GLY H 33 -23.65 -4.66 -29.69
N ILE H 34 -22.75 -5.65 -29.52
CA ILE H 34 -21.66 -5.91 -30.45
C ILE H 34 -22.09 -6.78 -31.66
N LEU H 35 -22.71 -7.96 -31.41
CA LEU H 35 -23.02 -8.96 -32.43
C LEU H 35 -24.44 -8.96 -32.95
N LYS H 36 -25.29 -8.09 -32.42
CA LYS H 36 -26.68 -7.86 -32.81
C LYS H 36 -27.56 -9.14 -32.73
N ARG H 37 -27.38 -9.92 -31.66
CA ARG H 37 -28.23 -11.09 -31.40
C ARG H 37 -28.80 -10.88 -30.02
N PRO H 38 -30.14 -10.97 -29.86
CA PRO H 38 -30.74 -10.80 -28.52
C PRO H 38 -30.31 -11.87 -27.50
N PRO H 39 -30.34 -11.57 -26.17
CA PRO H 39 -29.92 -12.58 -25.16
C PRO H 39 -30.55 -13.98 -25.25
N ASP H 40 -31.84 -14.07 -25.70
CA ASP H 40 -32.63 -15.30 -25.93
C ASP H 40 -32.05 -16.21 -27.06
N GLU H 41 -31.15 -15.65 -27.87
CA GLU H 41 -30.49 -16.37 -28.97
C GLU H 41 -29.06 -16.77 -28.55
N GLN H 42 -28.62 -16.39 -27.34
CA GLN H 42 -27.25 -16.65 -26.90
C GLN H 42 -27.13 -17.69 -25.81
N ARG H 43 -26.06 -18.50 -25.87
CA ARG H 43 -25.75 -19.48 -24.81
C ARG H 43 -24.34 -19.28 -24.43
N LEU H 44 -24.10 -18.98 -23.14
CA LEU H 44 -22.79 -18.72 -22.55
C LEU H 44 -22.34 -19.92 -21.70
N TYR H 45 -21.04 -20.18 -21.73
CA TYR H 45 -20.46 -21.34 -21.06
C TYR H 45 -19.16 -21.01 -20.35
N LYS H 46 -18.92 -21.72 -19.24
CA LYS H 46 -17.65 -21.73 -18.54
C LYS H 46 -17.21 -23.18 -18.74
N ASP H 47 -16.27 -23.38 -19.67
CA ASP H 47 -15.80 -24.67 -20.14
C ASP H 47 -16.98 -25.36 -20.85
N ASP H 48 -17.50 -26.49 -20.35
CA ASP H 48 -18.65 -27.18 -20.98
C ASP H 48 -19.96 -26.86 -20.29
N GLN H 49 -19.90 -26.15 -19.17
CA GLN H 49 -21.09 -25.88 -18.40
C GLN H 49 -21.81 -24.60 -18.78
N LEU H 50 -23.10 -24.73 -19.10
CA LEU H 50 -23.97 -23.63 -19.47
C LEU H 50 -24.23 -22.71 -18.27
N LEU H 51 -24.15 -21.41 -18.51
CA LEU H 51 -24.32 -20.34 -17.52
C LEU H 51 -25.76 -19.85 -17.51
N ASP H 52 -26.38 -19.81 -16.32
CA ASP H 52 -27.75 -19.35 -16.13
C ASP H 52 -27.78 -17.83 -16.03
N ASP H 53 -28.78 -17.21 -16.69
CA ASP H 53 -29.01 -15.75 -16.77
C ASP H 53 -29.03 -15.01 -15.47
N GLY H 54 -29.65 -15.61 -14.45
CA GLY H 54 -29.81 -15.04 -13.11
C GLY H 54 -28.57 -15.08 -12.25
N LYS H 55 -27.56 -15.88 -12.65
CA LYS H 55 -26.31 -16.02 -11.89
C LYS H 55 -25.35 -14.85 -12.09
N THR H 56 -24.70 -14.42 -10.99
CA THR H 56 -23.68 -13.37 -11.07
C THR H 56 -22.42 -14.02 -11.63
N LEU H 57 -21.52 -13.21 -12.23
CA LEU H 57 -20.23 -13.66 -12.76
C LEU H 57 -19.35 -14.30 -11.68
N GLY H 58 -19.33 -13.72 -10.49
CA GLY H 58 -18.63 -14.24 -9.32
C GLY H 58 -19.11 -15.62 -8.90
N GLU H 59 -20.44 -15.88 -8.95
CA GLU H 59 -21.09 -17.20 -8.67
C GLU H 59 -20.73 -18.25 -9.75
N CYS H 60 -20.35 -17.79 -10.98
CA CYS H 60 -19.88 -18.63 -12.09
C CYS H 60 -18.40 -19.02 -11.95
N GLY H 61 -17.67 -18.31 -11.06
CA GLY H 61 -16.24 -18.53 -10.84
C GLY H 61 -15.36 -17.42 -11.39
N PHE H 62 -15.95 -16.35 -11.98
CA PHE H 62 -15.22 -15.20 -12.53
C PHE H 62 -14.98 -14.12 -11.46
N THR H 63 -13.73 -14.05 -10.98
CA THR H 63 -13.34 -13.11 -9.92
C THR H 63 -12.14 -12.28 -10.35
N SER H 64 -11.74 -11.28 -9.51
CA SER H 64 -10.57 -10.40 -9.68
C SER H 64 -9.26 -11.19 -9.72
N GLN H 65 -9.27 -12.44 -9.23
CA GLN H 65 -8.13 -13.35 -9.17
C GLN H 65 -8.03 -14.29 -10.37
N THR H 66 -9.16 -14.67 -10.96
CA THR H 66 -9.22 -15.58 -12.12
C THR H 66 -9.50 -14.87 -13.49
N ALA H 67 -10.01 -13.62 -13.46
CA ALA H 67 -10.37 -12.80 -14.63
C ALA H 67 -9.71 -11.40 -14.56
N ARG H 68 -8.42 -11.37 -14.91
CA ARG H 68 -7.59 -10.15 -14.83
C ARG H 68 -7.41 -9.40 -16.16
N PRO H 69 -7.12 -8.06 -16.15
CA PRO H 69 -6.88 -7.35 -17.45
C PRO H 69 -5.80 -8.02 -18.30
N GLN H 70 -4.68 -8.39 -17.68
CA GLN H 70 -3.52 -9.02 -18.34
C GLN H 70 -3.71 -10.51 -18.62
N ALA H 71 -4.72 -11.16 -17.99
CA ALA H 71 -5.00 -12.58 -18.10
C ALA H 71 -6.52 -12.86 -17.98
N PRO H 72 -7.31 -12.51 -19.02
CA PRO H 72 -8.78 -12.65 -18.92
C PRO H 72 -9.30 -14.06 -18.92
N ALA H 73 -10.46 -14.26 -18.28
CA ALA H 73 -11.12 -15.56 -18.27
C ALA H 73 -11.93 -15.71 -19.57
N THR H 74 -11.98 -16.95 -20.09
CA THR H 74 -12.68 -17.31 -21.31
C THR H 74 -14.15 -17.73 -21.06
N VAL H 75 -15.07 -17.11 -21.82
CA VAL H 75 -16.49 -17.42 -21.82
C VAL H 75 -16.81 -18.00 -23.22
N GLY H 76 -17.44 -19.16 -23.26
CA GLY H 76 -17.84 -19.75 -24.53
C GLY H 76 -19.14 -19.13 -25.02
N LEU H 77 -19.38 -19.16 -26.33
CA LEU H 77 -20.59 -18.59 -26.96
C LEU H 77 -21.09 -19.45 -28.13
N ALA H 78 -22.35 -19.87 -28.06
CA ALA H 78 -23.06 -20.61 -29.10
C ALA H 78 -24.39 -19.91 -29.28
N PHE H 79 -24.87 -19.84 -30.51
CA PHE H 79 -26.14 -19.18 -30.86
C PHE H 79 -27.34 -20.13 -31.08
N ARG H 80 -28.57 -19.60 -30.94
CA ARG H 80 -29.85 -20.27 -31.22
C ARG H 80 -30.49 -19.45 -32.32
N ALA H 81 -30.97 -20.11 -33.38
CA ALA H 81 -31.64 -19.48 -34.51
C ALA H 81 -32.88 -20.29 -34.77
N ASP H 82 -33.92 -19.99 -33.98
CA ASP H 82 -35.23 -20.63 -33.98
C ASP H 82 -35.07 -22.10 -33.57
N ASP H 83 -35.33 -23.07 -34.47
CA ASP H 83 -35.19 -24.49 -34.12
C ASP H 83 -33.75 -24.99 -34.14
N THR H 84 -32.82 -24.19 -34.71
CA THR H 84 -31.40 -24.51 -34.83
C THR H 84 -30.62 -24.20 -33.53
N PHE H 85 -29.85 -25.20 -33.07
CA PHE H 85 -29.01 -25.14 -31.88
C PHE H 85 -27.60 -25.65 -32.19
N GLU H 86 -26.71 -24.76 -32.69
CA GLU H 86 -25.31 -25.10 -33.03
C GLU H 86 -24.52 -25.64 -31.82
N ALA H 87 -23.54 -26.50 -32.09
CA ALA H 87 -22.67 -27.05 -31.06
C ALA H 87 -21.69 -25.95 -30.61
N LEU H 88 -21.37 -25.86 -29.29
CA LEU H 88 -20.38 -24.90 -28.79
C LEU H 88 -19.02 -25.26 -29.45
N CYS H 89 -18.45 -24.33 -30.21
CA CYS H 89 -17.25 -24.57 -30.97
C CYS H 89 -16.33 -23.40 -30.86
N ILE H 90 -15.15 -23.63 -30.31
CA ILE H 90 -14.12 -22.57 -30.15
C ILE H 90 -12.86 -23.01 -30.85
N GLU H 91 -12.43 -22.25 -31.86
CA GLU H 91 -11.21 -22.52 -32.60
C GLU H 91 -9.97 -22.13 -31.80
N PRO H 92 -8.99 -23.03 -31.64
CA PRO H 92 -7.79 -22.68 -30.88
C PRO H 92 -6.96 -21.61 -31.56
N PHE H 93 -6.15 -20.90 -30.77
CA PHE H 93 -5.21 -19.94 -31.35
C PHE H 93 -4.06 -20.76 -31.93
N SER H 94 -3.20 -20.10 -32.74
CA SER H 94 -1.99 -20.71 -33.30
C SER H 94 -1.00 -21.00 -32.16
N SER H 95 -0.02 -21.88 -32.39
CA SER H 95 0.98 -22.27 -31.41
C SER H 95 2.32 -21.52 -31.59
N PRO H 96 3.04 -21.20 -30.48
CA PRO H 96 4.37 -20.57 -30.64
C PRO H 96 5.41 -21.58 -31.13
N PRO H 97 6.54 -21.14 -31.74
CA PRO H 97 7.58 -22.10 -32.13
C PRO H 97 8.25 -22.71 -30.90
N GLU H 98 9.11 -23.72 -31.12
CA GLU H 98 9.90 -24.36 -30.07
C GLU H 98 10.86 -23.29 -29.53
N LEU H 99 11.10 -23.27 -28.21
CA LEU H 99 11.98 -22.29 -27.55
C LEU H 99 13.41 -22.31 -28.14
N PRO H 100 13.97 -21.16 -28.61
CA PRO H 100 15.35 -21.17 -29.15
C PRO H 100 16.37 -21.61 -28.12
N ASP H 101 17.44 -22.24 -28.60
CA ASP H 101 18.54 -22.77 -27.78
C ASP H 101 19.18 -21.74 -26.84
N VAL H 102 19.33 -20.47 -27.31
CA VAL H 102 19.90 -19.37 -26.51
C VAL H 102 18.98 -18.94 -25.35
N MET H 103 17.66 -19.23 -25.46
CA MET H 103 16.63 -18.88 -24.46
C MET H 103 16.52 -19.97 -23.37
N LYS H 104 17.16 -21.13 -23.61
CA LYS H 104 17.22 -22.31 -22.73
C LYS H 104 18.41 -22.23 -21.75
#